data_8ZV5
#
_entry.id   8ZV5
#
_cell.length_a   1.00
_cell.length_b   1.00
_cell.length_c   1.00
_cell.angle_alpha   90.00
_cell.angle_beta   90.00
_cell.angle_gamma   90.00
#
_symmetry.space_group_name_H-M   'P 1'
#
loop_
_entity.id
_entity.type
_entity.pdbx_description
1 polymer 'Propionyl-CoA carboxylase alpha chain, mitochondrial'
2 polymer 'Propionyl-CoA carboxylase beta chain, mitochondrial'
3 polymer 'Propionyl-CoA carboxylase beta chain, mitochondrial'
#
loop_
_entity_poly.entity_id
_entity_poly.type
_entity_poly.pdbx_seq_one_letter_code
_entity_poly.pdbx_strand_id
1 'polypeptide(L)'
;MAGFWVGTAPLVAAGRRGRWPPQQLMLSAALRTLKHVLYYSRQCLMVSRNLGSVGYDPNEKTFDKILVANRGEIACRVIR
TCKKMGIKTVAIHSDVDASSVHVKMADEAVCVGPAPTSKSYLNMDAIMEAIKKTRAQAVHPGYGFLSENKEFARCLAAED
VVFIGPDTHAIQAMGDKIESKLLAKKAEVNTIPGFDGVVKDAEEAVRIAREIGYPVMIKASAGGGGKGMRIAWDDEETRD
GFRLSSQEAASSFGDDRLLIEKFIDNPRHIEIQVLGDKHGNALWLNERECSIQRRNQKVVEEAPSIFLDAETRRAMGEQA
VALARAVKYSSAGTVEFLVDSKKNFYFLEMNTRLQVEHPVTECITGLDLVQEMIRVAKGYPLRHKQADIRINGWAVECRV
YAEDPYKSFGLPSIGRLSQYQEPLHLPGVRVDSGIQPGSDISIYYDPMISKLITYGSDRTEALKRMADALDNYVIRGVTH
NIALLREVIINSRFVKGDISTKFLSDVYPDGFKGHMLTKSEKNQLLAIASSLFVAFQLRAQHFQENSRMPVIKPDIANWE
LSVKLHDKVHTVVASNNGSVFSVEVDGSKLNVTSTWNLASPLLSVSVDGTQRTVQCLSREAGGNMSIQFLGTVYKVNILT
RLAAELNKFMLEKVTEDTSSVLRSPMPGVVVAVSVKPGDAVAEGQEICVIEAMKMQNSMTAGKTGTVKSVHCQAGDTVGE
GDLLVELE
;
A
2 'polypeptide(L)'
;DPSDRLVPELDTIVPLESTKAYNMVDIIHSVVDEREFFEIMPNYAKNIIVGFARMNGRTVGIVGNQPKVASGCLDINSSV
KGARFVRFCDAFNIPLITFVDVPGFLPGTAQEYGGIIRHGAKLLYAFAEATVPKVTVITRKAYGGAYYVMSSKHLCGDTN
YAWPTAEIAVMGAKGAVEIIFKGHENVEAAQAEYIEKFANPFPAAVRGFVDDIIQPSSTRARICCDLDVLASKKVQRPWR
KHANIPL
;
B
3 'polypeptide(L)'
;MAAALRVAAVGARLSVLASGLRAAVRSLCSQATSVNERIENKRRTALLGGGQRRIDAQHKRGKLTARERISLLLDPGSFV
ESDMFVEHRCADFGMAADKNKFPGDSVVTGRGRINGRLVYVFSQDFTVFGGSLSGAHAQKICKIMDQAITVGAPVIGLND
SGGARIQEGVESLAGYADIFLRNVTASGVIPQISLIMGPCAGGAVYSPALTDFTFMVKDTSYLFITGPDVVKSVTNEDVT
QEELGGAKTHTTMSGVAHRAFENDVDALCNLRDFFNYLPLSSQDPAPVRECH
;
F
#
# COMPACT_ATOMS: atom_id res chain seq x y z
N TYR A 56 -1.01 -27.04 -30.77
CA TYR A 56 -1.66 -25.74 -30.72
C TYR A 56 -2.00 -25.25 -32.13
N ASP A 57 -2.91 -25.94 -32.79
CA ASP A 57 -3.31 -25.57 -34.14
C ASP A 57 -4.23 -24.36 -34.10
N PRO A 58 -3.87 -23.24 -34.74
CA PRO A 58 -4.76 -22.08 -34.74
C PRO A 58 -5.91 -22.17 -35.72
N ASN A 59 -5.93 -23.19 -36.59
CA ASN A 59 -7.03 -23.34 -37.53
C ASN A 59 -8.35 -23.60 -36.81
N GLU A 60 -8.30 -24.39 -35.74
CA GLU A 60 -9.51 -24.71 -34.98
C GLU A 60 -10.11 -23.44 -34.38
N LYS A 61 -11.38 -23.21 -34.66
CA LYS A 61 -12.12 -22.06 -34.16
C LYS A 61 -13.11 -22.56 -33.12
N THR A 62 -12.65 -22.64 -31.86
CA THR A 62 -13.50 -23.16 -30.79
C THR A 62 -14.46 -22.09 -30.28
N PHE A 63 -13.91 -21.02 -29.69
CA PHE A 63 -14.70 -19.87 -29.26
C PHE A 63 -13.81 -18.64 -29.38
N ASP A 64 -14.23 -17.67 -30.19
CA ASP A 64 -13.43 -16.46 -30.34
C ASP A 64 -13.37 -15.66 -29.04
N LYS A 65 -14.49 -15.54 -28.33
CA LYS A 65 -14.58 -14.80 -27.09
C LYS A 65 -14.95 -15.75 -25.96
N ILE A 66 -14.23 -15.65 -24.85
CA ILE A 66 -14.45 -16.52 -23.71
C ILE A 66 -14.50 -15.67 -22.44
N LEU A 67 -15.34 -16.09 -21.50
CA LEU A 67 -15.44 -15.47 -20.19
C LEU A 67 -14.86 -16.44 -19.16
N VAL A 68 -13.89 -15.97 -18.39
CA VAL A 68 -13.18 -16.79 -17.43
C VAL A 68 -13.65 -16.36 -16.04
N ALA A 69 -14.62 -17.10 -15.50
CA ALA A 69 -15.28 -16.71 -14.26
C ALA A 69 -14.51 -17.21 -13.03
N ASN A 70 -13.34 -16.63 -12.82
CA ASN A 70 -12.52 -16.92 -11.64
C ASN A 70 -11.42 -15.88 -11.56
N ARG A 71 -10.73 -15.86 -10.42
CA ARG A 71 -9.67 -14.89 -10.17
C ARG A 71 -8.43 -15.60 -9.65
N GLY A 72 -7.28 -14.97 -9.85
CA GLY A 72 -6.04 -15.48 -9.29
C GLY A 72 -5.13 -16.19 -10.27
N GLU A 73 -4.38 -17.16 -9.76
CA GLU A 73 -3.41 -17.87 -10.59
C GLU A 73 -4.10 -18.64 -11.71
N ILE A 74 -5.21 -19.31 -11.41
CA ILE A 74 -5.91 -20.09 -12.43
C ILE A 74 -6.51 -19.19 -13.49
N ALA A 75 -6.95 -17.99 -13.11
CA ALA A 75 -7.45 -17.04 -14.11
C ALA A 75 -6.34 -16.67 -15.10
N CYS A 76 -5.15 -16.39 -14.59
CA CYS A 76 -4.02 -16.08 -15.46
C CYS A 76 -3.66 -17.27 -16.34
N ARG A 77 -3.70 -18.48 -15.77
CA ARG A 77 -3.39 -19.67 -16.56
C ARG A 77 -4.37 -19.86 -17.70
N VAL A 78 -5.66 -19.70 -17.41
CA VAL A 78 -6.69 -19.87 -18.45
C VAL A 78 -6.55 -18.79 -19.51
N ILE A 79 -6.30 -17.54 -19.09
CA ILE A 79 -6.14 -16.46 -20.07
C ILE A 79 -4.94 -16.73 -20.96
N ARG A 80 -3.83 -17.18 -20.38
CA ARG A 80 -2.65 -17.50 -21.19
C ARG A 80 -2.94 -18.64 -22.16
N THR A 81 -3.64 -19.68 -21.69
CA THR A 81 -3.98 -20.80 -22.56
C THR A 81 -4.83 -20.33 -23.73
N CYS A 82 -5.79 -19.44 -23.47
CA CYS A 82 -6.59 -18.88 -24.56
C CYS A 82 -5.73 -18.02 -25.48
N LYS A 83 -4.72 -17.34 -24.94
CA LYS A 83 -3.81 -16.57 -25.78
C LYS A 83 -3.04 -17.49 -26.72
N LYS A 84 -2.67 -18.68 -26.26
CA LYS A 84 -2.04 -19.65 -27.16
C LYS A 84 -2.95 -20.00 -28.32
N MET A 85 -4.27 -19.94 -28.12
CA MET A 85 -5.21 -20.14 -29.21
C MET A 85 -5.54 -18.84 -29.95
N GLY A 86 -5.07 -17.70 -29.45
CA GLY A 86 -5.52 -16.43 -30.01
C GLY A 86 -6.99 -16.16 -29.76
N ILE A 87 -7.45 -16.44 -28.55
CA ILE A 87 -8.87 -16.33 -28.20
C ILE A 87 -9.05 -15.10 -27.31
N LYS A 88 -10.04 -14.28 -27.65
CA LYS A 88 -10.36 -13.12 -26.82
C LYS A 88 -10.77 -13.57 -25.43
N THR A 89 -10.18 -12.96 -24.42
CA THR A 89 -10.40 -13.32 -23.03
C THR A 89 -11.20 -12.23 -22.33
N VAL A 90 -12.26 -12.63 -21.64
CA VAL A 90 -13.07 -11.73 -20.83
C VAL A 90 -12.98 -12.21 -19.40
N ALA A 91 -12.20 -11.51 -18.58
CA ALA A 91 -11.96 -11.90 -17.19
C ALA A 91 -12.73 -10.96 -16.27
N ILE A 92 -13.62 -11.52 -15.46
CA ILE A 92 -14.39 -10.72 -14.52
C ILE A 92 -13.55 -10.43 -13.28
N HIS A 93 -13.77 -9.26 -12.70
CA HIS A 93 -12.97 -8.78 -11.58
C HIS A 93 -13.83 -7.94 -10.66
N SER A 94 -13.58 -8.05 -9.35
CA SER A 94 -14.22 -7.14 -8.42
C SER A 94 -13.61 -5.75 -8.55
N ASP A 95 -14.29 -4.76 -7.96
CA ASP A 95 -13.81 -3.39 -8.06
C ASP A 95 -12.43 -3.23 -7.42
N VAL A 96 -12.22 -3.86 -6.26
CA VAL A 96 -10.90 -3.84 -5.63
C VAL A 96 -9.88 -4.53 -6.51
N ASP A 97 -10.24 -5.66 -7.10
CA ASP A 97 -9.35 -6.46 -7.93
C ASP A 97 -9.25 -5.95 -9.37
N ALA A 98 -9.64 -4.70 -9.63
CA ALA A 98 -9.52 -4.13 -10.96
C ALA A 98 -8.06 -3.90 -11.37
N SER A 99 -7.12 -4.02 -10.44
CA SER A 99 -5.71 -3.84 -10.73
C SER A 99 -4.93 -5.15 -10.72
N SER A 100 -5.62 -6.28 -10.70
CA SER A 100 -4.96 -7.58 -10.67
C SER A 100 -4.27 -7.85 -12.01
N VAL A 101 -3.52 -8.95 -12.06
CA VAL A 101 -2.80 -9.29 -13.28
C VAL A 101 -3.75 -9.75 -14.38
N HIS A 102 -4.74 -10.59 -14.04
CA HIS A 102 -5.59 -11.17 -15.06
C HIS A 102 -6.52 -10.13 -15.68
N VAL A 103 -7.00 -9.17 -14.89
CA VAL A 103 -7.88 -8.15 -15.44
C VAL A 103 -7.13 -7.28 -16.45
N LYS A 104 -5.86 -6.98 -16.18
CA LYS A 104 -5.09 -6.18 -17.12
C LYS A 104 -4.68 -6.98 -18.35
N MET A 105 -4.29 -8.25 -18.15
CA MET A 105 -3.79 -9.04 -19.27
C MET A 105 -4.90 -9.49 -20.20
N ALA A 106 -6.12 -9.60 -19.70
CA ALA A 106 -7.24 -10.02 -20.53
C ALA A 106 -7.67 -8.91 -21.47
N ASP A 107 -8.23 -9.29 -22.61
CA ASP A 107 -8.74 -8.33 -23.59
C ASP A 107 -10.03 -7.74 -23.04
N GLU A 108 -9.92 -6.57 -22.40
CA GLU A 108 -11.03 -5.86 -21.77
C GLU A 108 -11.60 -6.64 -20.59
N ALA A 109 -12.31 -5.94 -19.72
CA ALA A 109 -12.90 -6.56 -18.54
C ALA A 109 -14.05 -5.70 -18.05
N VAL A 110 -14.93 -6.30 -17.25
CA VAL A 110 -16.09 -5.63 -16.68
C VAL A 110 -16.10 -5.85 -15.18
N CYS A 111 -16.17 -4.75 -14.42
CA CYS A 111 -16.33 -4.85 -12.98
C CYS A 111 -17.64 -5.55 -12.64
N VAL A 112 -17.60 -6.42 -11.64
CA VAL A 112 -18.76 -7.21 -11.26
C VAL A 112 -19.15 -7.02 -9.80
N GLY A 113 -18.69 -5.96 -9.15
CA GLY A 113 -19.16 -5.63 -7.83
C GLY A 113 -18.09 -5.27 -6.83
N PRO A 114 -18.46 -5.25 -5.55
CA PRO A 114 -17.53 -4.79 -4.50
C PRO A 114 -16.49 -5.82 -4.12
N ALA A 115 -15.72 -5.52 -3.07
CA ALA A 115 -14.68 -6.44 -2.63
C ALA A 115 -15.21 -7.81 -2.22
N PRO A 116 -16.26 -7.94 -1.39
CA PRO A 116 -16.71 -9.27 -0.99
C PRO A 116 -17.12 -10.10 -2.21
N THR A 117 -16.78 -11.39 -2.16
CA THR A 117 -17.16 -12.28 -3.26
C THR A 117 -18.65 -12.59 -3.26
N SER A 118 -19.31 -12.49 -2.09
CA SER A 118 -20.73 -12.75 -2.04
C SER A 118 -21.52 -11.71 -2.84
N LYS A 119 -21.12 -10.45 -2.77
CA LYS A 119 -21.83 -9.36 -3.41
C LYS A 119 -21.29 -9.04 -4.80
N SER A 120 -20.17 -9.63 -5.20
CA SER A 120 -19.59 -9.35 -6.51
C SER A 120 -19.58 -10.58 -7.41
N TYR A 121 -18.94 -11.67 -6.99
CA TYR A 121 -18.90 -12.87 -7.80
C TYR A 121 -20.12 -13.76 -7.62
N LEU A 122 -20.75 -13.72 -6.44
CA LEU A 122 -21.96 -14.49 -6.20
C LEU A 122 -23.23 -13.71 -6.52
N ASN A 123 -23.11 -12.41 -6.80
CA ASN A 123 -24.27 -11.59 -7.19
C ASN A 123 -24.43 -11.71 -8.70
N MET A 124 -25.23 -12.70 -9.12
CA MET A 124 -25.30 -13.07 -10.54
C MET A 124 -25.76 -11.92 -11.42
N ASP A 125 -26.41 -10.91 -10.85
CA ASP A 125 -26.84 -9.74 -11.62
C ASP A 125 -25.66 -9.13 -12.36
N ALA A 126 -24.58 -8.85 -11.63
CA ALA A 126 -23.40 -8.26 -12.26
C ALA A 126 -22.80 -9.20 -13.30
N ILE A 127 -22.88 -10.51 -13.07
CA ILE A 127 -22.29 -11.45 -14.03
C ILE A 127 -23.05 -11.42 -15.36
N MET A 128 -24.39 -11.49 -15.34
CA MET A 128 -24.97 -11.47 -16.69
C MET A 128 -24.98 -10.07 -17.27
N GLU A 129 -24.88 -9.01 -16.45
CA GLU A 129 -24.66 -7.69 -17.01
C GLU A 129 -23.32 -7.63 -17.76
N ALA A 130 -22.27 -8.21 -17.16
CA ALA A 130 -20.98 -8.25 -17.83
C ALA A 130 -21.04 -9.10 -19.09
N ILE A 131 -21.76 -10.22 -19.04
CA ILE A 131 -21.90 -11.07 -20.22
C ILE A 131 -22.61 -10.32 -21.34
N LYS A 132 -23.69 -9.61 -21.01
CA LYS A 132 -24.39 -8.82 -22.01
C LYS A 132 -23.48 -7.74 -22.59
N LYS A 133 -22.68 -7.10 -21.73
CA LYS A 133 -21.76 -6.07 -22.21
C LYS A 133 -20.72 -6.65 -23.15
N THR A 134 -20.19 -7.84 -22.84
CA THR A 134 -19.10 -8.44 -23.60
C THR A 134 -19.56 -9.48 -24.61
N ARG A 135 -20.84 -9.87 -24.60
CA ARG A 135 -21.36 -10.91 -25.48
C ARG A 135 -20.54 -12.20 -25.34
N ALA A 136 -20.32 -12.60 -24.09
CA ALA A 136 -19.53 -13.79 -23.79
C ALA A 136 -20.23 -15.05 -24.29
N GLN A 137 -19.43 -16.06 -24.61
CA GLN A 137 -19.94 -17.32 -25.14
C GLN A 137 -19.54 -18.54 -24.34
N ALA A 138 -18.50 -18.47 -23.51
CA ALA A 138 -18.06 -19.61 -22.71
C ALA A 138 -17.72 -19.15 -21.31
N VAL A 139 -17.93 -20.04 -20.35
CA VAL A 139 -17.72 -19.74 -18.94
C VAL A 139 -16.95 -20.91 -18.30
N HIS A 140 -16.04 -20.59 -17.39
CA HIS A 140 -15.23 -21.59 -16.71
C HIS A 140 -15.33 -21.35 -15.21
N PRO A 141 -15.87 -22.29 -14.43
CA PRO A 141 -15.98 -22.08 -12.98
C PRO A 141 -14.64 -21.93 -12.28
N GLY A 142 -13.60 -22.61 -12.74
CA GLY A 142 -12.33 -22.57 -12.06
C GLY A 142 -12.32 -23.45 -10.82
N TYR A 143 -11.35 -23.20 -9.95
CA TYR A 143 -11.22 -23.97 -8.71
C TYR A 143 -12.38 -23.69 -7.79
N GLY A 144 -13.29 -24.65 -7.65
CA GLY A 144 -14.46 -24.44 -6.80
C GLY A 144 -15.33 -23.32 -7.34
N PHE A 145 -15.48 -22.27 -6.53
CA PHE A 145 -16.26 -21.09 -6.90
C PHE A 145 -17.69 -21.52 -7.17
N LEU A 146 -18.22 -21.35 -8.38
CA LEU A 146 -19.60 -21.67 -8.69
C LEU A 146 -19.74 -22.96 -9.50
N SER A 147 -18.76 -23.86 -9.41
CA SER A 147 -18.87 -25.14 -10.08
C SER A 147 -20.01 -25.97 -9.52
N GLU A 148 -20.20 -25.94 -8.20
CA GLU A 148 -21.26 -26.70 -7.56
C GLU A 148 -22.61 -25.99 -7.60
N ASN A 149 -22.66 -24.76 -8.10
CA ASN A 149 -23.89 -23.99 -8.16
C ASN A 149 -24.69 -24.42 -9.38
N LYS A 150 -25.72 -25.25 -9.15
CA LYS A 150 -26.57 -25.68 -10.24
C LYS A 150 -27.43 -24.55 -10.77
N GLU A 151 -27.81 -23.60 -9.91
CA GLU A 151 -28.52 -22.41 -10.38
C GLU A 151 -27.65 -21.61 -11.34
N PHE A 152 -26.36 -21.49 -11.03
CA PHE A 152 -25.43 -20.85 -11.95
C PHE A 152 -25.40 -21.60 -13.28
N ALA A 153 -25.39 -22.93 -13.22
CA ALA A 153 -25.36 -23.72 -14.45
C ALA A 153 -26.60 -23.46 -15.30
N ARG A 154 -27.78 -23.46 -14.67
CA ARG A 154 -29.00 -23.29 -15.45
C ARG A 154 -29.13 -21.87 -15.98
N CYS A 155 -28.67 -20.87 -15.23
CA CYS A 155 -28.75 -19.51 -15.73
C CYS A 155 -27.76 -19.27 -16.86
N LEU A 156 -26.59 -19.92 -16.81
CA LEU A 156 -25.71 -19.90 -17.98
C LEU A 156 -26.36 -20.58 -19.17
N ALA A 157 -27.01 -21.72 -18.94
CA ALA A 157 -27.67 -22.42 -20.03
C ALA A 157 -28.78 -21.57 -20.65
N ALA A 158 -29.44 -20.74 -19.83
CA ALA A 158 -30.45 -19.84 -20.36
C ALA A 158 -29.84 -18.80 -21.29
N GLU A 159 -28.54 -18.54 -21.17
CA GLU A 159 -27.84 -17.57 -22.00
C GLU A 159 -26.96 -18.29 -23.02
N ASP A 160 -26.26 -17.51 -23.83
CA ASP A 160 -25.39 -18.08 -24.86
C ASP A 160 -24.15 -18.73 -24.26
N VAL A 161 -23.74 -18.29 -23.06
CA VAL A 161 -22.57 -18.86 -22.42
C VAL A 161 -22.82 -20.33 -22.11
N VAL A 162 -21.82 -21.17 -22.40
CA VAL A 162 -21.90 -22.60 -22.18
C VAL A 162 -20.97 -22.98 -21.04
N PHE A 163 -21.48 -23.75 -20.09
CA PHE A 163 -20.69 -24.17 -18.94
C PHE A 163 -19.64 -25.17 -19.40
N ILE A 164 -18.38 -24.75 -19.41
CA ILE A 164 -17.28 -25.63 -19.80
C ILE A 164 -17.04 -26.60 -18.65
N GLY A 165 -17.60 -27.80 -18.77
CA GLY A 165 -17.50 -28.79 -17.72
C GLY A 165 -18.41 -29.98 -17.98
N PRO A 166 -18.60 -30.80 -16.96
CA PRO A 166 -19.40 -32.02 -17.13
C PRO A 166 -20.90 -31.75 -17.06
N ASP A 167 -21.68 -32.81 -17.11
CA ASP A 167 -23.14 -32.68 -17.04
C ASP A 167 -23.57 -32.19 -15.66
N THR A 168 -24.69 -31.47 -15.63
CA THR A 168 -25.20 -30.93 -14.37
C THR A 168 -25.60 -32.06 -13.43
N HIS A 169 -26.24 -33.11 -13.95
CA HIS A 169 -26.62 -34.22 -13.09
C HIS A 169 -25.41 -34.94 -12.52
N ALA A 170 -24.29 -34.94 -13.25
CA ALA A 170 -23.06 -35.49 -12.68
C ALA A 170 -22.61 -34.68 -11.47
N ILE A 171 -22.71 -33.35 -11.55
CA ILE A 171 -22.36 -32.51 -10.42
C ILE A 171 -23.32 -32.75 -9.26
N GLN A 172 -24.60 -32.97 -9.57
CA GLN A 172 -25.56 -33.30 -8.53
C GLN A 172 -25.21 -34.62 -7.86
N ALA A 173 -24.82 -35.62 -8.66
CA ALA A 173 -24.47 -36.92 -8.11
C ALA A 173 -23.24 -36.84 -7.22
N MET A 174 -22.24 -36.06 -7.64
CA MET A 174 -21.07 -35.91 -6.78
C MET A 174 -21.36 -35.00 -5.58
N GLY A 175 -22.42 -34.20 -5.65
CA GLY A 175 -22.75 -33.34 -4.52
C GLY A 175 -23.12 -34.12 -3.27
N ASP A 176 -23.97 -35.14 -3.42
CA ASP A 176 -24.37 -35.98 -2.30
C ASP A 176 -23.48 -37.22 -2.27
N LYS A 177 -22.83 -37.45 -1.12
CA LYS A 177 -21.83 -38.49 -1.04
C LYS A 177 -22.45 -39.88 -1.01
N ILE A 178 -23.64 -40.02 -0.45
CA ILE A 178 -24.31 -41.34 -0.44
C ILE A 178 -24.58 -41.79 -1.86
N GLU A 179 -25.20 -40.92 -2.66
CA GLU A 179 -25.44 -41.26 -4.06
C GLU A 179 -24.12 -41.41 -4.83
N SER A 180 -23.10 -40.65 -4.46
CA SER A 180 -21.80 -40.80 -5.11
C SER A 180 -21.24 -42.20 -4.87
N LYS A 181 -21.30 -42.68 -3.64
CA LYS A 181 -20.83 -44.04 -3.34
C LYS A 181 -21.69 -45.08 -4.03
N LEU A 182 -23.01 -44.87 -4.05
CA LEU A 182 -23.89 -45.83 -4.73
C LEU A 182 -23.55 -45.92 -6.22
N LEU A 183 -23.34 -44.77 -6.86
CA LEU A 183 -23.00 -44.77 -8.28
C LEU A 183 -21.62 -45.38 -8.52
N ALA A 184 -20.65 -45.09 -7.65
CA ALA A 184 -19.32 -45.68 -7.82
C ALA A 184 -19.38 -47.20 -7.69
N LYS A 185 -20.17 -47.71 -6.74
CA LYS A 185 -20.39 -49.15 -6.65
C LYS A 185 -21.08 -49.66 -7.92
N LYS A 186 -22.05 -48.90 -8.43
CA LYS A 186 -22.64 -49.23 -9.73
C LYS A 186 -21.60 -49.15 -10.84
N ALA A 187 -20.71 -48.15 -10.76
CA ALA A 187 -19.65 -47.98 -11.74
C ALA A 187 -18.50 -48.96 -11.56
N GLU A 188 -18.67 -49.98 -10.73
CA GLU A 188 -17.68 -51.03 -10.50
C GLU A 188 -16.34 -50.45 -10.06
N VAL A 189 -16.40 -49.56 -9.06
CA VAL A 189 -15.23 -48.94 -8.48
C VAL A 189 -15.16 -49.33 -7.01
N ASN A 190 -13.97 -49.75 -6.56
CA ASN A 190 -13.79 -50.15 -5.17
C ASN A 190 -14.13 -49.00 -4.24
N THR A 191 -14.88 -49.30 -3.19
CA THR A 191 -15.44 -48.29 -2.30
C THR A 191 -14.86 -48.41 -0.90
N ILE A 192 -14.82 -47.27 -0.21
CA ILE A 192 -14.49 -47.28 1.22
C ILE A 192 -15.55 -48.07 1.97
N PRO A 193 -15.18 -49.06 2.79
CA PRO A 193 -16.22 -49.86 3.43
C PRO A 193 -16.97 -49.10 4.52
N GLY A 194 -18.27 -49.41 4.62
CA GLY A 194 -19.14 -48.67 5.51
C GLY A 194 -20.59 -49.00 5.22
N PHE A 195 -21.47 -48.07 5.56
CA PHE A 195 -22.90 -48.24 5.40
C PHE A 195 -23.43 -47.25 4.38
N ASP A 196 -24.33 -47.74 3.52
CA ASP A 196 -24.99 -46.91 2.52
C ASP A 196 -26.32 -46.42 3.07
N GLY A 197 -26.49 -45.11 3.15
CA GLY A 197 -27.68 -44.51 3.68
C GLY A 197 -27.34 -43.28 4.49
N VAL A 198 -28.36 -42.71 5.13
CA VAL A 198 -28.23 -41.49 5.92
C VAL A 198 -28.62 -41.81 7.35
N VAL A 199 -27.78 -41.44 8.30
CA VAL A 199 -28.03 -41.66 9.72
C VAL A 199 -28.76 -40.45 10.28
N LYS A 200 -29.67 -40.71 11.22
CA LYS A 200 -30.49 -39.64 11.79
C LYS A 200 -30.42 -39.61 13.31
N ASP A 201 -30.13 -40.74 13.93
CA ASP A 201 -30.12 -40.86 15.37
C ASP A 201 -28.79 -41.42 15.85
N ALA A 202 -28.48 -41.12 17.12
CA ALA A 202 -27.21 -41.57 17.70
C ALA A 202 -27.15 -43.09 17.79
N GLU A 203 -28.29 -43.73 18.09
CA GLU A 203 -28.32 -45.19 18.13
C GLU A 203 -28.00 -45.78 16.77
N GLU A 204 -28.54 -45.18 15.71
CA GLU A 204 -28.20 -45.64 14.36
C GLU A 204 -26.72 -45.46 14.08
N ALA A 205 -26.15 -44.33 14.51
CA ALA A 205 -24.73 -44.09 14.30
C ALA A 205 -23.88 -45.13 15.01
N VAL A 206 -24.20 -45.43 16.27
CA VAL A 206 -23.40 -46.41 17.00
C VAL A 206 -23.59 -47.81 16.42
N ARG A 207 -24.79 -48.15 15.95
CA ARG A 207 -24.97 -49.45 15.32
C ARG A 207 -24.17 -49.54 14.02
N ILE A 208 -24.15 -48.46 13.23
CA ILE A 208 -23.35 -48.46 12.01
C ILE A 208 -21.88 -48.60 12.35
N ALA A 209 -21.45 -47.97 13.45
CA ALA A 209 -20.09 -48.19 13.93
C ALA A 209 -19.86 -49.65 14.28
N ARG A 210 -20.89 -50.31 14.84
CA ARG A 210 -20.76 -51.75 15.12
C ARG A 210 -20.48 -52.53 13.85
N GLU A 211 -21.27 -52.30 12.78
CA GLU A 211 -20.99 -53.06 11.56
C GLU A 211 -19.63 -52.69 10.96
N ILE A 212 -19.29 -51.40 10.94
CA ILE A 212 -18.10 -50.99 10.20
C ILE A 212 -16.84 -51.07 11.06
N GLY A 213 -16.98 -51.00 12.37
CA GLY A 213 -15.84 -51.00 13.27
C GLY A 213 -15.64 -49.66 13.95
N TYR A 214 -14.74 -49.68 14.93
CA TYR A 214 -14.47 -48.47 15.71
C TYR A 214 -13.94 -47.30 14.87
N PRO A 215 -12.97 -47.48 13.96
CA PRO A 215 -12.59 -46.36 13.08
C PRO A 215 -13.76 -45.96 12.19
N VAL A 216 -14.23 -44.72 12.38
CA VAL A 216 -15.48 -44.27 11.78
C VAL A 216 -15.26 -42.94 11.06
N MET A 217 -15.67 -42.87 9.80
CA MET A 217 -15.75 -41.64 9.03
C MET A 217 -17.21 -41.16 8.99
N ILE A 218 -17.58 -40.38 9.99
CA ILE A 218 -18.84 -39.63 9.92
C ILE A 218 -18.61 -38.44 8.99
N LYS A 219 -19.22 -38.49 7.81
CA LYS A 219 -18.90 -37.55 6.75
C LYS A 219 -20.19 -37.01 6.15
N ALA A 220 -20.34 -35.69 6.17
CA ALA A 220 -21.47 -35.06 5.52
C ALA A 220 -21.24 -34.96 4.02
N SER A 221 -22.35 -34.81 3.28
CA SER A 221 -22.25 -34.73 1.83
C SER A 221 -21.61 -33.42 1.39
N ALA A 222 -21.02 -33.45 0.19
CA ALA A 222 -20.40 -32.29 -0.44
C ALA A 222 -19.22 -31.77 0.37
N GLY A 223 -18.69 -30.62 -0.04
CA GLY A 223 -17.54 -30.05 0.64
C GLY A 223 -16.29 -30.02 -0.22
N GLY A 224 -15.94 -28.85 -0.74
CA GLY A 224 -14.73 -28.75 -1.55
C GLY A 224 -13.50 -29.11 -0.74
N GLY A 225 -12.66 -29.96 -1.32
CA GLY A 225 -11.50 -30.46 -0.61
C GLY A 225 -11.84 -31.34 0.57
N GLY A 226 -12.88 -32.16 0.45
CA GLY A 226 -13.24 -33.09 1.51
C GLY A 226 -13.65 -32.43 2.80
N LYS A 227 -14.49 -31.40 2.74
CA LYS A 227 -14.91 -30.73 3.97
C LYS A 227 -15.85 -31.63 4.76
N GLY A 228 -15.89 -31.39 6.07
CA GLY A 228 -16.76 -32.14 6.96
C GLY A 228 -16.44 -33.60 7.15
N MET A 229 -15.17 -33.94 7.37
CA MET A 229 -14.77 -35.28 7.76
C MET A 229 -14.35 -35.28 9.22
N ARG A 230 -14.63 -36.37 9.92
CA ARG A 230 -14.30 -36.49 11.33
C ARG A 230 -13.81 -37.89 11.65
N ILE A 231 -13.16 -38.02 12.81
CA ILE A 231 -12.57 -39.26 13.29
C ILE A 231 -13.31 -39.72 14.54
N ALA A 232 -13.57 -41.02 14.62
CA ALA A 232 -14.16 -41.64 15.80
C ALA A 232 -13.43 -42.93 16.14
N TRP A 233 -13.40 -43.26 17.43
CA TRP A 233 -12.72 -44.46 17.89
C TRP A 233 -13.49 -45.26 18.93
N ASP A 234 -14.65 -44.81 19.38
CA ASP A 234 -15.37 -45.49 20.45
C ASP A 234 -16.86 -45.27 20.26
N ASP A 235 -17.65 -46.14 20.90
CA ASP A 235 -19.11 -46.01 20.81
C ASP A 235 -19.59 -44.71 21.45
N GLU A 236 -19.06 -44.38 22.62
CA GLU A 236 -19.32 -43.06 23.18
C GLU A 236 -18.78 -41.96 22.28
N GLU A 237 -17.57 -42.17 21.75
CA GLU A 237 -17.05 -41.28 20.72
C GLU A 237 -17.96 -41.26 19.51
N THR A 238 -18.48 -42.43 19.12
CA THR A 238 -19.38 -42.48 17.96
C THR A 238 -20.59 -41.59 18.18
N ARG A 239 -21.24 -41.71 19.34
CA ARG A 239 -22.49 -40.96 19.55
C ARG A 239 -22.23 -39.47 19.74
N ASP A 240 -21.22 -39.10 20.55
CA ASP A 240 -20.99 -37.66 20.76
C ASP A 240 -20.46 -37.00 19.49
N GLY A 241 -19.61 -37.70 18.74
CA GLY A 241 -19.20 -37.22 17.44
C GLY A 241 -20.32 -37.13 16.44
N PHE A 242 -21.28 -38.05 16.49
CA PHE A 242 -22.45 -37.93 15.62
C PHE A 242 -23.27 -36.69 15.96
N ARG A 243 -23.46 -36.43 17.26
CA ARG A 243 -24.17 -35.21 17.66
C ARG A 243 -23.46 -33.96 17.17
N LEU A 244 -22.14 -33.88 17.44
CA LEU A 244 -21.39 -32.71 17.01
C LEU A 244 -21.30 -32.62 15.49
N SER A 245 -21.36 -33.76 14.80
CA SER A 245 -21.30 -33.75 13.34
C SER A 245 -22.61 -33.27 12.75
N SER A 246 -23.74 -33.65 13.36
CA SER A 246 -25.02 -33.08 12.95
C SER A 246 -25.02 -31.58 13.19
N GLN A 247 -24.47 -31.14 14.33
CA GLN A 247 -24.39 -29.71 14.61
C GLN A 247 -23.57 -28.99 13.54
N GLU A 248 -22.38 -29.52 13.22
CA GLU A 248 -21.50 -28.83 12.28
C GLU A 248 -22.04 -28.91 10.85
N ALA A 249 -22.75 -29.99 10.50
CA ALA A 249 -23.37 -30.07 9.19
C ALA A 249 -24.49 -29.06 9.06
N ALA A 250 -25.29 -28.90 10.12
CA ALA A 250 -26.33 -27.86 10.10
C ALA A 250 -25.70 -26.47 10.00
N SER A 251 -24.60 -26.24 10.71
CA SER A 251 -23.95 -24.94 10.67
C SER A 251 -23.36 -24.64 9.30
N SER A 252 -22.67 -25.62 8.70
CA SER A 252 -21.95 -25.38 7.46
C SER A 252 -22.87 -25.52 6.25
N PHE A 253 -23.45 -26.70 6.04
CA PHE A 253 -24.25 -26.98 4.86
C PHE A 253 -25.72 -27.22 5.15
N GLY A 254 -26.07 -27.88 6.24
CA GLY A 254 -27.44 -28.18 6.55
C GLY A 254 -28.00 -29.42 5.88
N ASP A 255 -27.19 -30.11 5.08
CA ASP A 255 -27.67 -31.33 4.42
C ASP A 255 -27.96 -32.44 5.41
N ASP A 256 -27.12 -32.57 6.44
CA ASP A 256 -27.23 -33.62 7.46
C ASP A 256 -27.16 -35.02 6.85
N ARG A 257 -26.58 -35.15 5.66
CA ARG A 257 -26.42 -36.45 5.00
C ARG A 257 -25.07 -37.02 5.45
N LEU A 258 -25.05 -37.52 6.68
CA LEU A 258 -23.82 -38.05 7.27
C LEU A 258 -23.60 -39.46 6.76
N LEU A 259 -22.65 -39.61 5.83
CA LEU A 259 -22.32 -40.92 5.25
C LEU A 259 -21.24 -41.55 6.12
N ILE A 260 -21.66 -42.45 7.01
CA ILE A 260 -20.73 -43.09 7.93
C ILE A 260 -20.06 -44.27 7.24
N GLU A 261 -18.73 -44.34 7.34
CA GLU A 261 -17.97 -45.41 6.71
C GLU A 261 -16.72 -45.67 7.53
N LYS A 262 -16.09 -46.82 7.28
CA LYS A 262 -14.93 -47.25 8.05
C LYS A 262 -13.71 -46.43 7.68
N PHE A 263 -12.99 -45.96 8.71
CA PHE A 263 -11.76 -45.21 8.51
C PHE A 263 -10.64 -46.11 8.01
N ILE A 264 -9.75 -45.53 7.20
CA ILE A 264 -8.59 -46.22 6.66
C ILE A 264 -7.34 -45.56 7.23
N ASP A 265 -6.52 -46.36 7.91
CA ASP A 265 -5.31 -45.86 8.56
C ASP A 265 -4.10 -46.00 7.65
N ASN A 266 -3.14 -45.10 7.82
CA ASN A 266 -1.96 -45.00 6.98
C ASN A 266 -2.31 -45.01 5.49
N PRO A 267 -3.19 -44.12 5.04
CA PRO A 267 -3.60 -44.15 3.64
C PRO A 267 -2.78 -43.22 2.76
N ARG A 268 -2.97 -43.34 1.44
CA ARG A 268 -2.39 -42.42 0.48
C ARG A 268 -3.52 -41.89 -0.39
N HIS A 269 -3.74 -40.58 -0.33
CA HIS A 269 -4.76 -39.91 -1.13
C HIS A 269 -4.22 -39.75 -2.54
N ILE A 270 -4.61 -40.67 -3.41
CA ILE A 270 -4.09 -40.72 -4.77
C ILE A 270 -5.18 -40.28 -5.74
N GLU A 271 -4.87 -39.33 -6.60
CA GLU A 271 -5.83 -38.81 -7.55
C GLU A 271 -5.58 -39.40 -8.93
N ILE A 272 -6.67 -39.62 -9.66
CA ILE A 272 -6.64 -40.02 -11.06
C ILE A 272 -7.39 -38.98 -11.87
N GLN A 273 -6.75 -38.45 -12.90
CA GLN A 273 -7.33 -37.44 -13.77
C GLN A 273 -7.91 -38.13 -15.00
N VAL A 274 -9.16 -37.84 -15.31
CA VAL A 274 -9.85 -38.41 -16.47
C VAL A 274 -10.28 -37.25 -17.36
N LEU A 275 -9.71 -37.20 -18.56
CA LEU A 275 -10.16 -36.26 -19.57
C LEU A 275 -11.26 -36.90 -20.40
N GLY A 276 -12.40 -36.20 -20.50
CA GLY A 276 -13.54 -36.75 -21.21
C GLY A 276 -14.13 -35.82 -22.22
N ASP A 277 -14.25 -36.29 -23.47
CA ASP A 277 -14.88 -35.51 -24.51
C ASP A 277 -16.40 -35.57 -24.38
N LYS A 278 -17.08 -34.78 -25.19
CA LYS A 278 -18.54 -34.78 -25.20
C LYS A 278 -19.11 -36.02 -25.88
N HIS A 279 -18.28 -36.85 -26.48
CA HIS A 279 -18.71 -38.07 -27.14
C HIS A 279 -18.73 -39.28 -26.20
N GLY A 280 -18.33 -39.10 -24.94
CA GLY A 280 -18.36 -40.17 -23.96
C GLY A 280 -17.04 -40.86 -23.71
N ASN A 281 -16.04 -40.64 -24.57
CA ASN A 281 -14.75 -41.27 -24.37
C ASN A 281 -14.06 -40.69 -23.13
N ALA A 282 -13.43 -41.59 -22.36
CA ALA A 282 -12.71 -41.21 -21.15
C ALA A 282 -11.26 -41.67 -21.28
N LEU A 283 -10.34 -40.80 -20.85
CA LEU A 283 -8.91 -41.08 -20.96
C LEU A 283 -8.24 -40.73 -19.64
N TRP A 284 -7.63 -41.72 -19.01
CA TRP A 284 -6.95 -41.50 -17.73
C TRP A 284 -5.50 -41.08 -17.95
N LEU A 285 -5.06 -40.08 -17.21
CA LEU A 285 -3.74 -39.47 -17.37
C LEU A 285 -2.95 -39.63 -16.08
N ASN A 286 -2.28 -40.78 -15.95
CA ASN A 286 -1.32 -41.06 -14.87
C ASN A 286 -2.02 -40.84 -13.52
N GLU A 287 -1.41 -40.16 -12.56
CA GLU A 287 -1.99 -39.98 -11.24
C GLU A 287 -1.35 -38.77 -10.58
N ARG A 288 -1.81 -38.47 -9.37
CA ARG A 288 -1.25 -37.37 -8.56
C ARG A 288 -1.35 -37.78 -7.10
N GLU A 289 -0.22 -38.19 -6.52
CA GLU A 289 -0.19 -38.52 -5.10
C GLU A 289 -0.24 -37.24 -4.27
N CYS A 290 -1.12 -37.23 -3.27
CA CYS A 290 -1.29 -36.08 -2.37
C CYS A 290 -1.29 -36.55 -0.92
N SER A 291 -0.35 -37.42 -0.58
CA SER A 291 -0.30 -37.99 0.76
C SER A 291 0.03 -36.95 1.83
N ILE A 292 0.69 -35.86 1.46
CA ILE A 292 1.12 -34.85 2.43
C ILE A 292 0.04 -33.79 2.53
N GLN A 293 -0.55 -33.63 3.71
CA GLN A 293 -1.58 -32.64 3.91
C GLN A 293 -1.72 -32.32 5.39
N ARG A 294 -2.33 -31.18 5.67
CA ARG A 294 -2.70 -30.79 7.03
C ARG A 294 -3.95 -29.93 6.94
N ARG A 295 -4.77 -30.00 8.00
CA ARG A 295 -6.01 -29.23 8.08
C ARG A 295 -6.89 -29.47 6.86
N ASN A 296 -6.91 -30.73 6.39
CA ASN A 296 -7.70 -31.13 5.24
C ASN A 296 -7.34 -30.33 3.98
N GLN A 297 -6.07 -29.95 3.85
CA GLN A 297 -5.59 -29.19 2.71
C GLN A 297 -4.24 -29.72 2.27
N LYS A 298 -4.04 -29.85 0.97
CA LYS A 298 -2.81 -30.39 0.42
C LYS A 298 -1.78 -29.29 0.24
N VAL A 299 -0.53 -29.58 0.62
CA VAL A 299 0.56 -28.64 0.45
C VAL A 299 1.60 -29.09 -0.56
N VAL A 300 1.89 -30.39 -0.64
CA VAL A 300 2.87 -30.94 -1.56
C VAL A 300 2.21 -32.03 -2.39
N GLU A 301 2.42 -32.00 -3.70
CA GLU A 301 1.83 -32.96 -4.61
C GLU A 301 2.91 -33.63 -5.44
N GLU A 302 2.85 -34.95 -5.51
CA GLU A 302 3.77 -35.77 -6.30
C GLU A 302 2.94 -36.48 -7.37
N ALA A 303 3.14 -36.06 -8.63
CA ALA A 303 2.30 -36.61 -9.70
C ALA A 303 2.61 -38.08 -9.96
N PRO A 304 3.84 -38.48 -10.32
CA PRO A 304 4.11 -39.92 -10.40
C PRO A 304 4.28 -40.49 -9.00
N SER A 305 3.31 -41.26 -8.53
CA SER A 305 3.35 -41.73 -7.15
C SER A 305 4.47 -42.75 -6.98
N ILE A 306 5.27 -42.57 -5.94
CA ILE A 306 6.37 -43.49 -5.67
C ILE A 306 5.83 -44.86 -5.25
N PHE A 307 4.79 -44.86 -4.41
CA PHE A 307 4.19 -46.12 -3.99
C PHE A 307 3.51 -46.83 -5.15
N LEU A 308 2.86 -46.08 -6.03
CA LEU A 308 2.10 -46.68 -7.12
C LEU A 308 3.04 -47.24 -8.18
N ASP A 309 2.65 -48.38 -8.74
CA ASP A 309 3.37 -49.01 -9.85
C ASP A 309 2.49 -49.01 -11.10
N ALA A 310 3.05 -49.53 -12.19
CA ALA A 310 2.42 -49.39 -13.50
C ALA A 310 1.12 -50.17 -13.59
N GLU A 311 1.11 -51.42 -13.13
CA GLU A 311 -0.08 -52.26 -13.30
C GLU A 311 -1.24 -51.75 -12.46
N THR A 312 -0.99 -51.39 -11.20
CA THR A 312 -2.05 -50.82 -10.39
C THR A 312 -2.49 -49.47 -10.94
N ARG A 313 -1.56 -48.70 -11.51
CA ARG A 313 -1.90 -47.42 -12.11
C ARG A 313 -2.85 -47.59 -13.30
N ARG A 314 -2.56 -48.56 -14.17
CA ARG A 314 -3.44 -48.77 -15.31
C ARG A 314 -4.78 -49.36 -14.89
N ALA A 315 -4.80 -50.21 -13.86
CA ALA A 315 -6.07 -50.67 -13.33
C ALA A 315 -6.88 -49.51 -12.74
N MET A 316 -6.20 -48.59 -12.05
CA MET A 316 -6.83 -47.39 -11.52
C MET A 316 -7.47 -46.59 -12.65
N GLY A 317 -6.70 -46.36 -13.71
CA GLY A 317 -7.20 -45.58 -14.82
C GLY A 317 -8.35 -46.25 -15.54
N GLU A 318 -8.30 -47.59 -15.65
CA GLU A 318 -9.40 -48.31 -16.27
C GLU A 318 -10.66 -48.19 -15.44
N GLN A 319 -10.55 -48.33 -14.12
CA GLN A 319 -11.73 -48.16 -13.27
C GLN A 319 -12.27 -46.73 -13.34
N ALA A 320 -11.38 -45.75 -13.37
CA ALA A 320 -11.81 -44.35 -13.46
C ALA A 320 -12.50 -44.07 -14.79
N VAL A 321 -11.97 -44.64 -15.87
CA VAL A 321 -12.59 -44.48 -17.19
C VAL A 321 -13.97 -45.13 -17.21
N ALA A 322 -14.09 -46.32 -16.62
CA ALA A 322 -15.39 -46.97 -16.54
C ALA A 322 -16.38 -46.14 -15.74
N LEU A 323 -15.91 -45.56 -14.62
CA LEU A 323 -16.78 -44.69 -13.83
C LEU A 323 -17.22 -43.47 -14.62
N ALA A 324 -16.30 -42.85 -15.35
CA ALA A 324 -16.65 -41.68 -16.15
C ALA A 324 -17.65 -42.04 -17.24
N ARG A 325 -17.45 -43.19 -17.90
CA ARG A 325 -18.38 -43.61 -18.93
C ARG A 325 -19.74 -43.99 -18.36
N ALA A 326 -19.77 -44.45 -17.11
CA ALA A 326 -21.04 -44.76 -16.47
C ALA A 326 -21.86 -43.50 -16.18
N VAL A 327 -21.24 -42.33 -16.27
CA VAL A 327 -21.91 -41.06 -16.00
C VAL A 327 -22.01 -40.18 -17.24
N LYS A 328 -21.45 -40.62 -18.37
CA LYS A 328 -21.36 -39.81 -19.59
C LYS A 328 -20.58 -38.52 -19.32
N TYR A 329 -19.39 -38.69 -18.75
CA TYR A 329 -18.55 -37.54 -18.42
C TYR A 329 -18.05 -36.86 -19.68
N SER A 330 -18.11 -35.53 -19.68
CA SER A 330 -17.72 -34.71 -20.83
C SER A 330 -16.85 -33.54 -20.39
N SER A 331 -15.87 -33.83 -19.53
CA SER A 331 -14.98 -32.80 -19.02
C SER A 331 -13.75 -33.48 -18.43
N ALA A 332 -12.94 -32.70 -17.71
CA ALA A 332 -11.79 -33.21 -16.98
C ALA A 332 -12.17 -33.34 -15.51
N GLY A 333 -12.09 -34.56 -14.98
CA GLY A 333 -12.48 -34.82 -13.62
C GLY A 333 -11.38 -35.54 -12.86
N THR A 334 -11.56 -35.59 -11.53
CA THR A 334 -10.60 -36.22 -10.64
C THR A 334 -11.31 -37.23 -9.74
N VAL A 335 -10.67 -38.38 -9.57
CA VAL A 335 -11.17 -39.42 -8.67
C VAL A 335 -10.10 -39.69 -7.62
N GLU A 336 -10.49 -39.61 -6.35
CA GLU A 336 -9.56 -39.74 -5.24
C GLU A 336 -9.71 -41.09 -4.57
N PHE A 337 -8.57 -41.71 -4.26
CA PHE A 337 -8.52 -43.05 -3.69
C PHE A 337 -7.67 -43.04 -2.43
N LEU A 338 -7.83 -44.09 -1.64
CA LEU A 338 -7.28 -44.19 -0.28
C LEU A 338 -6.29 -45.33 -0.18
N VAL A 339 -5.32 -45.37 -1.10
CA VAL A 339 -4.46 -46.55 -1.25
C VAL A 339 -3.83 -46.95 0.08
N ASP A 340 -3.99 -48.21 0.44
CA ASP A 340 -3.42 -48.79 1.65
C ASP A 340 -2.17 -49.58 1.30
N SER A 341 -1.65 -50.31 2.29
CA SER A 341 -0.48 -51.15 2.05
C SER A 341 -0.76 -52.21 1.00
N LYS A 342 -2.00 -52.64 0.88
CA LYS A 342 -2.40 -53.66 -0.09
C LYS A 342 -2.94 -53.05 -1.39
N LYS A 343 -2.83 -51.74 -1.55
CA LYS A 343 -3.28 -51.04 -2.76
C LYS A 343 -4.76 -51.25 -3.01
N ASN A 344 -5.55 -51.31 -1.95
CA ASN A 344 -7.00 -51.42 -2.05
C ASN A 344 -7.56 -50.01 -2.17
N PHE A 345 -7.36 -49.41 -3.34
CA PHE A 345 -7.78 -48.04 -3.61
C PHE A 345 -9.29 -47.96 -3.55
N TYR A 346 -9.80 -47.18 -2.62
CA TYR A 346 -11.23 -47.04 -2.41
C TYR A 346 -11.70 -45.66 -2.84
N PHE A 347 -12.86 -45.62 -3.48
CA PHE A 347 -13.39 -44.36 -4.02
C PHE A 347 -13.72 -43.39 -2.89
N LEU A 348 -13.08 -42.23 -2.90
CA LEU A 348 -13.37 -41.15 -1.95
C LEU A 348 -13.63 -39.89 -2.76
N GLU A 349 -14.90 -39.55 -2.92
CA GLU A 349 -15.34 -38.33 -3.60
C GLU A 349 -14.95 -38.32 -5.08
N MET A 350 -15.58 -37.46 -5.85
CA MET A 350 -15.20 -37.24 -7.24
C MET A 350 -15.45 -35.77 -7.56
N ASN A 351 -14.38 -35.03 -7.85
CA ASN A 351 -14.48 -33.60 -8.11
C ASN A 351 -14.72 -33.37 -9.59
N THR A 352 -15.86 -32.77 -9.93
CA THR A 352 -16.14 -32.43 -11.32
C THR A 352 -15.33 -31.23 -11.79
N ARG A 353 -14.89 -30.38 -10.86
CA ARG A 353 -14.05 -29.24 -11.20
C ARG A 353 -12.65 -29.71 -11.59
N LEU A 354 -11.94 -28.86 -12.32
CA LEU A 354 -10.54 -29.10 -12.59
C LEU A 354 -9.75 -29.06 -11.29
N GLN A 355 -8.83 -30.01 -11.13
CA GLN A 355 -8.08 -30.10 -9.88
C GLN A 355 -7.19 -28.89 -9.68
N VAL A 356 -7.01 -28.51 -8.41
CA VAL A 356 -6.19 -27.34 -8.08
C VAL A 356 -4.75 -27.56 -8.53
N GLU A 357 -4.21 -28.76 -8.31
CA GLU A 357 -2.82 -29.08 -8.62
C GLU A 357 -2.67 -29.84 -9.94
N HIS A 358 -3.46 -29.49 -10.94
CA HIS A 358 -3.33 -30.15 -12.24
C HIS A 358 -1.97 -29.96 -12.91
N PRO A 359 -1.23 -28.84 -12.76
CA PRO A 359 0.05 -28.74 -13.49
C PRO A 359 1.05 -29.83 -13.14
N VAL A 360 0.98 -30.40 -11.94
CA VAL A 360 2.00 -31.36 -11.53
C VAL A 360 2.04 -32.56 -12.46
N THR A 361 0.90 -32.96 -13.01
CA THR A 361 0.89 -34.00 -14.02
C THR A 361 1.02 -33.46 -15.43
N GLU A 362 0.64 -32.20 -15.65
CA GLU A 362 0.73 -31.62 -16.99
C GLU A 362 2.15 -31.67 -17.53
N CYS A 363 3.14 -31.63 -16.65
CA CYS A 363 4.52 -31.78 -17.09
C CYS A 363 4.80 -33.21 -17.54
N ILE A 364 4.39 -34.20 -16.75
CA ILE A 364 4.72 -35.58 -17.10
C ILE A 364 3.85 -36.06 -18.25
N THR A 365 2.58 -35.66 -18.28
CA THR A 365 1.72 -36.05 -19.39
C THR A 365 2.09 -35.33 -20.68
N GLY A 366 2.63 -34.12 -20.57
CA GLY A 366 3.01 -33.34 -21.73
C GLY A 366 1.85 -32.73 -22.50
N LEU A 367 0.65 -32.71 -21.92
CA LEU A 367 -0.54 -32.19 -22.58
C LEU A 367 -1.12 -31.05 -21.77
N ASP A 368 -1.61 -30.02 -22.48
CA ASP A 368 -2.26 -28.89 -21.83
C ASP A 368 -3.71 -29.28 -21.52
N LEU A 369 -4.00 -29.50 -20.24
CA LEU A 369 -5.34 -29.94 -19.86
C LEU A 369 -6.39 -28.90 -20.20
N VAL A 370 -6.08 -27.62 -20.01
CA VAL A 370 -7.04 -26.57 -20.30
C VAL A 370 -7.32 -26.48 -21.80
N GLN A 371 -6.28 -26.66 -22.62
CA GLN A 371 -6.46 -26.62 -24.07
C GLN A 371 -7.42 -27.72 -24.52
N GLU A 372 -7.18 -28.95 -24.07
CA GLU A 372 -8.06 -30.05 -24.44
C GLU A 372 -9.44 -29.89 -23.83
N MET A 373 -9.54 -29.27 -22.64
CA MET A 373 -10.85 -29.03 -22.05
C MET A 373 -11.65 -28.05 -22.88
N ILE A 374 -10.99 -27.01 -23.41
CA ILE A 374 -11.67 -26.07 -24.30
C ILE A 374 -12.09 -26.77 -25.59
N ARG A 375 -11.22 -27.62 -26.12
CA ARG A 375 -11.60 -28.38 -27.33
C ARG A 375 -12.80 -29.27 -27.05
N VAL A 376 -12.86 -29.88 -25.86
CA VAL A 376 -14.01 -30.68 -25.47
C VAL A 376 -15.26 -29.81 -25.37
N ALA A 377 -15.11 -28.61 -24.81
CA ALA A 377 -16.21 -27.65 -24.78
C ALA A 377 -16.71 -27.34 -26.19
N LYS A 378 -15.82 -27.37 -27.17
CA LYS A 378 -16.26 -27.30 -28.57
C LYS A 378 -17.01 -28.55 -28.98
N GLY A 379 -16.74 -29.68 -28.32
CA GLY A 379 -17.36 -30.94 -28.67
C GLY A 379 -16.49 -31.90 -29.46
N TYR A 380 -15.22 -31.56 -29.68
CA TYR A 380 -14.34 -32.42 -30.46
C TYR A 380 -13.97 -33.67 -29.68
N PRO A 381 -13.72 -34.78 -30.36
CA PRO A 381 -13.31 -36.01 -29.67
C PRO A 381 -11.88 -35.91 -29.15
N LEU A 382 -11.53 -36.86 -28.30
CA LEU A 382 -10.19 -36.90 -27.69
C LEU A 382 -9.18 -37.31 -28.76
N ARG A 383 -8.41 -36.33 -29.24
CA ARG A 383 -7.39 -36.63 -30.25
C ARG A 383 -6.30 -37.53 -29.68
N HIS A 384 -5.89 -37.29 -28.44
CA HIS A 384 -4.85 -38.11 -27.82
C HIS A 384 -5.44 -39.40 -27.26
N LYS A 385 -4.71 -40.49 -27.45
CA LYS A 385 -5.11 -41.79 -26.95
C LYS A 385 -4.32 -42.13 -25.69
N GLN A 386 -4.58 -43.33 -25.15
CA GLN A 386 -3.85 -43.75 -23.95
C GLN A 386 -2.38 -43.93 -24.25
N ALA A 387 -2.04 -44.45 -25.43
CA ALA A 387 -0.63 -44.54 -25.82
C ALA A 387 0.00 -43.17 -25.92
N ASP A 388 -0.78 -42.17 -26.35
CA ASP A 388 -0.27 -40.80 -26.38
C ASP A 388 0.04 -40.29 -24.98
N ILE A 389 -0.64 -40.81 -23.97
CA ILE A 389 -0.37 -40.44 -22.58
C ILE A 389 0.89 -41.15 -22.11
N ARG A 390 2.02 -40.46 -22.12
CA ARG A 390 3.30 -41.02 -21.71
C ARG A 390 3.89 -40.15 -20.61
N ILE A 391 4.38 -40.78 -19.55
CA ILE A 391 4.97 -40.05 -18.44
C ILE A 391 6.27 -39.42 -18.89
N ASN A 392 6.45 -38.13 -18.57
CA ASN A 392 7.68 -37.40 -18.88
C ASN A 392 8.41 -37.16 -17.56
N GLY A 393 9.20 -38.16 -17.15
CA GLY A 393 10.02 -38.02 -15.96
C GLY A 393 9.21 -37.88 -14.68
N TRP A 394 9.79 -37.18 -13.73
CA TRP A 394 9.22 -36.97 -12.40
C TRP A 394 8.81 -35.50 -12.28
N ALA A 395 7.71 -35.26 -11.58
CA ALA A 395 7.25 -33.88 -11.37
C ALA A 395 6.74 -33.71 -9.95
N VAL A 396 7.14 -32.61 -9.33
CA VAL A 396 6.78 -32.30 -7.94
C VAL A 396 6.29 -30.86 -7.86
N GLU A 397 5.16 -30.65 -7.18
CA GLU A 397 4.56 -29.33 -7.03
C GLU A 397 4.40 -28.98 -5.56
N CYS A 398 4.68 -27.73 -5.22
CA CYS A 398 4.44 -27.20 -3.88
C CYS A 398 3.70 -25.87 -4.00
N ARG A 399 2.67 -25.70 -3.18
CA ARG A 399 1.86 -24.48 -3.19
C ARG A 399 2.35 -23.55 -2.10
N VAL A 400 2.98 -22.45 -2.51
CA VAL A 400 3.44 -21.42 -1.57
C VAL A 400 2.24 -20.55 -1.20
N TYR A 401 1.91 -20.53 0.10
CA TYR A 401 0.75 -19.82 0.61
C TYR A 401 1.17 -18.59 1.39
N ALA A 402 0.20 -17.72 1.65
CA ALA A 402 0.38 -16.55 2.50
C ALA A 402 -0.04 -16.84 3.93
N GLU A 403 0.50 -17.90 4.52
CA GLU A 403 0.17 -18.29 5.88
C GLU A 403 1.44 -18.51 6.69
N ASP A 404 1.31 -18.38 8.01
CA ASP A 404 2.46 -18.52 8.89
C ASP A 404 2.56 -19.97 9.35
N PRO A 405 3.57 -20.72 8.91
CA PRO A 405 3.63 -22.15 9.26
C PRO A 405 3.96 -22.41 10.71
N TYR A 406 4.53 -21.44 11.42
CA TYR A 406 4.93 -21.67 12.80
C TYR A 406 3.75 -21.79 13.76
N LYS A 407 2.55 -21.43 13.31
CA LYS A 407 1.37 -21.44 14.15
C LYS A 407 0.26 -22.21 13.44
N SER A 408 -0.13 -23.35 14.01
CA SER A 408 -1.22 -24.17 13.50
C SER A 408 -0.97 -24.65 12.07
N PHE A 409 0.30 -24.94 11.77
CA PHE A 409 0.70 -25.50 10.47
C PHE A 409 0.20 -24.64 9.31
N GLY A 410 0.32 -23.32 9.46
CA GLY A 410 -0.17 -22.40 8.47
C GLY A 410 -1.34 -21.58 8.97
N LEU A 411 -1.06 -20.33 9.36
CA LEU A 411 -2.09 -19.49 9.94
C LEU A 411 -2.37 -18.31 9.02
N PRO A 412 -3.65 -18.02 8.74
CA PRO A 412 -3.97 -16.97 7.77
C PRO A 412 -3.37 -15.63 8.14
N SER A 413 -2.94 -14.89 7.12
CA SER A 413 -2.27 -13.61 7.31
C SER A 413 -2.75 -12.62 6.26
N ILE A 414 -2.55 -11.34 6.55
CA ILE A 414 -2.95 -10.26 5.66
C ILE A 414 -1.78 -9.30 5.50
N GLY A 415 -1.73 -8.61 4.37
CA GLY A 415 -0.69 -7.63 4.12
C GLY A 415 -0.54 -7.35 2.64
N ARG A 416 0.57 -6.70 2.31
CA ARG A 416 0.91 -6.33 0.95
C ARG A 416 2.29 -6.86 0.61
N LEU A 417 2.50 -7.20 -0.67
CA LEU A 417 3.76 -7.75 -1.14
C LEU A 417 4.65 -6.60 -1.62
N SER A 418 5.74 -6.36 -0.90
CA SER A 418 6.69 -5.35 -1.32
C SER A 418 7.61 -5.89 -2.42
N GLN A 419 8.32 -6.98 -2.13
CA GLN A 419 9.18 -7.62 -3.11
C GLN A 419 8.65 -9.00 -3.42
N TYR A 420 8.57 -9.33 -4.71
CA TYR A 420 8.12 -10.65 -5.16
C TYR A 420 8.92 -11.03 -6.41
N GLN A 421 9.85 -11.96 -6.25
CA GLN A 421 10.66 -12.46 -7.36
C GLN A 421 10.64 -13.98 -7.36
N GLU A 422 10.40 -14.57 -8.53
CA GLU A 422 10.27 -15.99 -8.77
C GLU A 422 11.60 -16.56 -9.26
N PRO A 423 11.86 -17.88 -9.05
CA PRO A 423 13.12 -18.49 -9.47
C PRO A 423 13.07 -19.00 -10.90
N LEU A 424 12.59 -18.15 -11.82
CA LEU A 424 12.44 -18.56 -13.21
C LEU A 424 13.78 -18.79 -13.90
N HIS A 425 14.85 -18.16 -13.41
CA HIS A 425 16.16 -18.38 -14.01
C HIS A 425 16.70 -19.77 -13.74
N LEU A 426 16.20 -20.46 -12.72
CA LEU A 426 16.62 -21.82 -12.45
C LEU A 426 16.11 -22.76 -13.54
N PRO A 427 16.85 -23.83 -13.81
CA PRO A 427 16.40 -24.80 -14.81
C PRO A 427 15.41 -25.80 -14.24
N GLY A 428 14.42 -26.14 -15.06
CA GLY A 428 13.39 -27.09 -14.63
C GLY A 428 12.53 -26.59 -13.50
N VAL A 429 12.18 -25.31 -13.50
CA VAL A 429 11.33 -24.71 -12.49
C VAL A 429 10.31 -23.82 -13.19
N ARG A 430 9.03 -24.00 -12.86
CA ARG A 430 7.97 -23.20 -13.46
C ARG A 430 7.05 -22.68 -12.35
N VAL A 431 6.57 -21.45 -12.53
CA VAL A 431 5.79 -20.76 -11.52
C VAL A 431 4.44 -20.41 -12.12
N ASP A 432 3.36 -20.74 -11.40
CA ASP A 432 2.03 -20.28 -11.75
C ASP A 432 1.50 -19.43 -10.62
N SER A 433 1.15 -18.18 -10.91
CA SER A 433 0.69 -17.27 -9.89
C SER A 433 -0.20 -16.21 -10.51
N GLY A 434 -1.02 -15.59 -9.66
CA GLY A 434 -1.89 -14.51 -10.10
C GLY A 434 -1.66 -13.24 -9.31
N ILE A 435 -0.45 -13.09 -8.75
CA ILE A 435 -0.11 -11.91 -7.96
C ILE A 435 1.24 -11.38 -8.42
N GLN A 436 1.46 -10.10 -8.12
CA GLN A 436 2.62 -9.35 -8.56
C GLN A 436 3.10 -8.51 -7.38
N PRO A 437 4.33 -7.97 -7.46
CA PRO A 437 4.77 -7.04 -6.41
C PRO A 437 3.78 -5.90 -6.21
N GLY A 438 3.29 -5.74 -4.99
CA GLY A 438 2.30 -4.74 -4.69
C GLY A 438 0.90 -5.24 -4.53
N SER A 439 0.61 -6.47 -4.97
CA SER A 439 -0.71 -7.04 -4.76
C SER A 439 -0.93 -7.32 -3.28
N ASP A 440 -2.18 -7.17 -2.85
CA ASP A 440 -2.55 -7.30 -1.44
C ASP A 440 -3.35 -8.57 -1.22
N ILE A 441 -3.14 -9.19 -0.06
CA ILE A 441 -3.92 -10.37 0.33
C ILE A 441 -5.22 -9.88 0.95
N SER A 442 -6.34 -10.29 0.37
CA SER A 442 -7.66 -9.86 0.82
C SER A 442 -8.36 -10.98 1.58
N ILE A 443 -8.99 -10.62 2.70
CA ILE A 443 -9.75 -11.60 3.47
C ILE A 443 -10.96 -12.09 2.69
N TYR A 444 -11.42 -11.33 1.70
CA TYR A 444 -12.56 -11.73 0.90
C TYR A 444 -12.26 -12.95 0.02
N TYR A 445 -10.99 -13.30 -0.14
CA TYR A 445 -10.59 -14.40 -1.00
C TYR A 445 -9.55 -15.25 -0.28
N ASP A 446 -9.29 -16.43 -0.85
CA ASP A 446 -8.34 -17.34 -0.23
C ASP A 446 -6.91 -16.79 -0.31
N PRO A 447 -6.08 -17.06 0.69
CA PRO A 447 -4.69 -16.58 0.70
C PRO A 447 -3.70 -17.51 0.00
N MET A 448 -3.67 -17.45 -1.32
CA MET A 448 -2.76 -18.25 -2.13
C MET A 448 -1.75 -17.35 -2.82
N ILE A 449 -0.47 -17.61 -2.59
CA ILE A 449 0.57 -16.85 -3.26
C ILE A 449 0.84 -17.41 -4.65
N SER A 450 1.30 -18.65 -4.72
CA SER A 450 1.70 -19.21 -6.02
C SER A 450 1.83 -20.72 -5.90
N LYS A 451 2.05 -21.36 -7.05
CA LYS A 451 2.35 -22.77 -7.13
C LYS A 451 3.63 -22.97 -7.93
N LEU A 452 4.51 -23.81 -7.40
CA LEU A 452 5.85 -24.02 -7.94
C LEU A 452 5.98 -25.48 -8.37
N ILE A 453 6.40 -25.70 -9.61
CA ILE A 453 6.46 -27.04 -10.18
C ILE A 453 7.86 -27.29 -10.73
N THR A 454 8.41 -28.47 -10.45
CA THR A 454 9.69 -28.89 -11.01
C THR A 454 9.51 -30.24 -11.71
N TYR A 455 10.22 -30.42 -12.81
CA TYR A 455 10.30 -31.70 -13.49
C TYR A 455 11.76 -32.11 -13.63
N GLY A 456 12.00 -33.42 -13.54
CA GLY A 456 13.34 -33.95 -13.63
C GLY A 456 13.31 -35.35 -14.20
N SER A 457 14.51 -35.93 -14.35
CA SER A 457 14.62 -37.30 -14.84
C SER A 457 14.07 -38.28 -13.81
N ASP A 458 14.42 -38.10 -12.54
CA ASP A 458 14.00 -38.99 -11.47
C ASP A 458 13.51 -38.16 -10.29
N ARG A 459 13.20 -38.85 -9.19
CA ARG A 459 12.69 -38.16 -8.00
C ARG A 459 13.75 -37.26 -7.37
N THR A 460 14.99 -37.72 -7.33
CA THR A 460 16.04 -36.94 -6.68
C THR A 460 16.27 -35.62 -7.39
N GLU A 461 16.27 -35.63 -8.73
CA GLU A 461 16.45 -34.39 -9.47
C GLU A 461 15.32 -33.41 -9.20
N ALA A 462 14.08 -33.89 -9.20
CA ALA A 462 12.94 -33.02 -8.94
C ALA A 462 13.01 -32.45 -7.53
N LEU A 463 13.38 -33.28 -6.54
CA LEU A 463 13.50 -32.79 -5.18
C LEU A 463 14.59 -31.74 -5.05
N LYS A 464 15.73 -31.97 -5.71
CA LYS A 464 16.82 -30.98 -5.66
C LYS A 464 16.40 -29.67 -6.31
N ARG A 465 15.67 -29.76 -7.42
CA ARG A 465 15.23 -28.54 -8.09
C ARG A 465 14.18 -27.79 -7.26
N MET A 466 13.26 -28.51 -6.61
CA MET A 466 12.39 -27.87 -5.62
C MET A 466 13.19 -27.18 -4.52
N ALA A 467 14.21 -27.85 -3.98
CA ALA A 467 15.00 -27.22 -2.91
C ALA A 467 15.64 -25.93 -3.39
N ASP A 468 16.28 -25.97 -4.56
CA ASP A 468 16.95 -24.76 -5.06
C ASP A 468 15.95 -23.67 -5.42
N ALA A 469 14.79 -24.05 -5.96
CA ALA A 469 13.78 -23.06 -6.31
C ALA A 469 13.21 -22.40 -5.06
N LEU A 470 12.96 -23.18 -4.01
CA LEU A 470 12.43 -22.61 -2.78
C LEU A 470 13.46 -21.74 -2.08
N ASP A 471 14.75 -22.07 -2.18
CA ASP A 471 15.75 -21.17 -1.62
C ASP A 471 15.84 -19.86 -2.39
N ASN A 472 15.61 -19.90 -3.71
CA ASN A 472 15.79 -18.75 -4.59
C ASN A 472 14.48 -18.02 -4.86
N TYR A 473 13.55 -18.01 -3.91
CA TYR A 473 12.22 -17.45 -4.11
C TYR A 473 12.04 -16.31 -3.11
N VAL A 474 11.87 -15.10 -3.62
CA VAL A 474 11.90 -13.89 -2.81
C VAL A 474 10.47 -13.41 -2.59
N ILE A 475 10.01 -13.45 -1.35
CA ILE A 475 8.73 -12.88 -0.95
C ILE A 475 8.96 -12.00 0.27
N ARG A 476 8.47 -10.76 0.22
CA ARG A 476 8.53 -9.86 1.36
C ARG A 476 7.19 -9.18 1.53
N GLY A 477 6.92 -8.73 2.76
CA GLY A 477 5.70 -8.04 3.09
C GLY A 477 4.68 -8.88 3.83
N VAL A 478 4.57 -10.17 3.49
CA VAL A 478 3.67 -11.09 4.15
C VAL A 478 4.44 -12.34 4.53
N THR A 479 3.88 -13.11 5.46
CA THR A 479 4.52 -14.30 5.98
C THR A 479 4.12 -15.51 5.14
N HIS A 480 5.11 -16.24 4.64
CA HIS A 480 4.90 -17.39 3.79
C HIS A 480 5.28 -18.67 4.53
N ASN A 481 4.92 -19.80 3.93
CA ASN A 481 5.22 -21.12 4.49
C ASN A 481 6.32 -21.83 3.72
N ILE A 482 7.34 -21.08 3.28
CA ILE A 482 8.44 -21.70 2.53
C ILE A 482 9.23 -22.65 3.41
N ALA A 483 9.38 -22.31 4.70
CA ALA A 483 10.10 -23.19 5.61
C ALA A 483 9.44 -24.56 5.69
N LEU A 484 8.11 -24.59 5.81
CA LEU A 484 7.39 -25.85 5.86
C LEU A 484 7.59 -26.67 4.59
N LEU A 485 7.44 -26.04 3.43
CA LEU A 485 7.55 -26.77 2.17
C LEU A 485 8.97 -27.32 1.98
N ARG A 486 9.99 -26.51 2.29
CA ARG A 486 11.36 -26.98 2.14
C ARG A 486 11.65 -28.12 3.11
N GLU A 487 11.17 -28.01 4.35
CA GLU A 487 11.39 -29.08 5.31
C GLU A 487 10.69 -30.37 4.89
N VAL A 488 9.53 -30.25 4.23
CA VAL A 488 8.86 -31.44 3.71
C VAL A 488 9.68 -32.06 2.58
N ILE A 489 10.16 -31.23 1.64
CA ILE A 489 10.86 -31.78 0.49
C ILE A 489 12.27 -32.26 0.81
N ILE A 490 12.83 -31.91 1.97
CA ILE A 490 14.13 -32.43 2.39
C ILE A 490 14.02 -33.40 3.55
N ASN A 491 12.82 -33.67 4.05
CA ASN A 491 12.68 -34.65 5.13
C ASN A 491 13.05 -36.03 4.62
N SER A 492 13.73 -36.80 5.47
CA SER A 492 14.21 -38.12 5.07
C SER A 492 13.05 -39.05 4.74
N ARG A 493 11.99 -39.02 5.54
CA ARG A 493 10.85 -39.90 5.30
C ARG A 493 10.19 -39.59 3.96
N PHE A 494 10.03 -38.30 3.63
CA PHE A 494 9.47 -37.95 2.34
C PHE A 494 10.44 -38.28 1.21
N VAL A 495 11.75 -38.25 1.49
CA VAL A 495 12.72 -38.60 0.47
C VAL A 495 12.61 -40.08 0.11
N LYS A 496 12.56 -40.95 1.13
CA LYS A 496 12.54 -42.39 0.84
C LYS A 496 11.18 -42.85 0.31
N GLY A 497 10.10 -42.21 0.76
CA GLY A 497 8.76 -42.46 0.22
C GLY A 497 7.73 -42.89 1.24
N ASP A 498 8.13 -43.29 2.44
CA ASP A 498 7.17 -43.77 3.42
C ASP A 498 6.36 -42.64 4.05
N ILE A 499 5.33 -42.19 3.33
CA ILE A 499 4.52 -41.06 3.74
C ILE A 499 3.06 -41.49 3.84
N SER A 500 2.31 -40.78 4.68
CA SER A 500 0.90 -41.06 4.90
C SER A 500 0.16 -39.75 5.07
N THR A 501 -1.17 -39.84 5.18
CA THR A 501 -1.99 -38.64 5.32
C THR A 501 -1.73 -37.92 6.62
N LYS A 502 -1.20 -38.62 7.62
CA LYS A 502 -0.86 -38.03 8.91
C LYS A 502 0.63 -37.72 9.02
N PHE A 503 1.26 -37.32 7.91
CA PHE A 503 2.69 -37.05 7.90
C PHE A 503 3.04 -35.87 8.79
N LEU A 504 2.24 -34.81 8.75
CA LEU A 504 2.56 -33.61 9.51
C LEU A 504 2.15 -33.70 10.97
N SER A 505 1.37 -34.70 11.36
CA SER A 505 0.93 -34.83 12.73
C SER A 505 1.88 -35.64 13.60
N ASP A 506 2.73 -36.47 13.00
CA ASP A 506 3.67 -37.29 13.76
C ASP A 506 5.12 -36.88 13.59
N VAL A 507 5.48 -36.29 12.45
CA VAL A 507 6.84 -35.78 12.28
C VAL A 507 7.08 -34.60 13.21
N TYR A 508 6.07 -33.77 13.41
CA TYR A 508 6.12 -32.64 14.34
C TYR A 508 4.95 -32.76 15.30
N PRO A 509 5.06 -33.64 16.30
CA PRO A 509 3.97 -33.78 17.27
C PRO A 509 3.66 -32.50 18.02
N ASP A 510 4.66 -31.68 18.28
CA ASP A 510 4.47 -30.42 19.00
C ASP A 510 4.28 -29.23 18.07
N GLY A 511 4.17 -29.46 16.77
CA GLY A 511 4.06 -28.40 15.80
C GLY A 511 5.38 -28.09 15.13
N PHE A 512 5.28 -27.35 14.01
CA PHE A 512 6.46 -27.02 13.25
C PHE A 512 7.34 -26.05 14.01
N LYS A 513 8.64 -26.32 14.06
CA LYS A 513 9.58 -25.51 14.81
C LYS A 513 10.77 -25.03 13.99
N GLY A 514 10.76 -25.24 12.68
CA GLY A 514 11.85 -24.81 11.83
C GLY A 514 12.91 -25.87 11.63
N HIS A 515 13.82 -25.59 10.71
CA HIS A 515 14.92 -26.51 10.45
C HIS A 515 15.92 -26.47 11.61
N MET A 516 16.30 -27.65 12.10
CA MET A 516 17.31 -27.77 13.14
C MET A 516 18.67 -27.98 12.46
N LEU A 517 19.40 -26.88 12.30
CA LEU A 517 20.69 -26.93 11.64
C LEU A 517 21.70 -27.71 12.49
N THR A 518 22.50 -28.54 11.82
CA THR A 518 23.47 -29.40 12.49
C THR A 518 24.73 -28.62 12.82
N LYS A 519 25.73 -29.32 13.37
CA LYS A 519 26.96 -28.67 13.79
C LYS A 519 27.69 -28.03 12.61
N SER A 520 27.84 -28.78 11.51
CA SER A 520 28.44 -28.22 10.32
C SER A 520 27.59 -27.08 9.77
N GLU A 521 26.27 -27.26 9.75
CA GLU A 521 25.38 -26.21 9.29
C GLU A 521 25.43 -25.00 10.23
N LYS A 522 25.55 -25.24 11.53
CA LYS A 522 25.69 -24.13 12.47
C LYS A 522 26.97 -23.34 12.21
N ASN A 523 28.08 -24.04 11.98
CA ASN A 523 29.33 -23.35 11.67
C ASN A 523 29.21 -22.57 10.37
N GLN A 524 28.56 -23.15 9.37
CA GLN A 524 28.38 -22.45 8.10
C GLN A 524 27.54 -21.19 8.27
N LEU A 525 26.46 -21.28 9.03
CA LEU A 525 25.61 -20.10 9.24
C LEU A 525 26.37 -19.01 10.00
N LEU A 526 27.11 -19.39 11.04
CA LEU A 526 27.87 -18.40 11.79
C LEU A 526 28.94 -17.76 10.91
N ALA A 527 29.62 -18.55 10.10
CA ALA A 527 30.63 -17.99 9.20
C ALA A 527 30.01 -17.01 8.22
N ILE A 528 28.86 -17.37 7.64
CA ILE A 528 28.21 -16.49 6.68
C ILE A 528 27.76 -15.19 7.34
N ALA A 529 27.18 -15.29 8.54
CA ALA A 529 26.73 -14.09 9.24
C ALA A 529 27.89 -13.18 9.57
N SER A 530 28.98 -13.74 10.10
CA SER A 530 30.14 -12.92 10.45
C SER A 530 30.75 -12.29 9.21
N SER A 531 30.86 -13.05 8.12
CA SER A 531 31.42 -12.51 6.89
C SER A 531 30.56 -11.37 6.37
N LEU A 532 29.24 -11.53 6.41
CA LEU A 532 28.35 -10.47 5.94
C LEU A 532 28.47 -9.21 6.79
N PHE A 533 28.57 -9.38 8.11
CA PHE A 533 28.72 -8.22 9.00
C PHE A 533 30.04 -7.48 8.71
N VAL A 534 31.13 -8.23 8.56
CA VAL A 534 32.41 -7.60 8.25
C VAL A 534 32.36 -6.92 6.89
N ALA A 535 31.66 -7.53 5.93
CA ALA A 535 31.55 -6.93 4.60
C ALA A 535 30.79 -5.61 4.66
N PHE A 536 29.73 -5.57 5.46
CA PHE A 536 29.00 -4.31 5.64
C PHE A 536 29.89 -3.25 6.24
N GLN A 537 30.69 -3.61 7.26
CA GLN A 537 31.61 -2.63 7.83
C GLN A 537 32.60 -2.12 6.79
N LEU A 538 33.18 -3.04 6.02
CA LEU A 538 34.18 -2.65 5.03
C LEU A 538 33.57 -1.73 3.99
N ARG A 539 32.35 -2.01 3.54
CA ARG A 539 31.70 -1.09 2.62
C ARG A 539 31.39 0.24 3.28
N ALA A 540 31.14 0.24 4.58
CA ALA A 540 30.93 1.51 5.28
C ALA A 540 32.20 2.36 5.28
N GLN A 541 33.37 1.73 5.29
CA GLN A 541 34.62 2.48 5.29
C GLN A 541 35.00 3.06 3.93
N HIS A 542 34.11 3.07 2.94
CA HIS A 542 34.46 3.47 1.58
C HIS A 542 33.66 4.70 1.18
N PHE A 543 34.32 5.85 1.13
CA PHE A 543 33.75 7.11 0.70
C PHE A 543 34.40 7.53 -0.61
N GLN A 544 34.05 8.73 -1.06
CA GLN A 544 34.72 9.33 -2.21
C GLN A 544 35.87 10.20 -1.72
N GLU A 545 36.52 10.91 -2.64
CA GLU A 545 37.76 11.62 -2.34
C GLU A 545 37.38 13.05 -1.98
N ASN A 546 37.71 13.46 -0.76
CA ASN A 546 37.25 14.75 -0.25
C ASN A 546 38.05 15.90 -0.85
N SER A 547 39.36 15.72 -1.02
CA SER A 547 40.30 16.71 -1.54
C SER A 547 40.58 17.81 -0.52
N ARG A 548 39.89 17.78 0.62
CA ARG A 548 40.20 18.67 1.73
C ARG A 548 40.66 17.91 2.96
N MET A 549 39.90 16.90 3.38
CA MET A 549 40.26 16.03 4.49
C MET A 549 40.36 14.60 3.98
N PRO A 550 41.56 14.11 3.68
CA PRO A 550 41.68 12.74 3.17
C PRO A 550 41.26 11.72 4.22
N VAL A 551 40.74 10.60 3.73
CA VAL A 551 40.25 9.53 4.60
C VAL A 551 41.38 8.54 4.86
N ILE A 552 41.68 8.31 6.13
CA ILE A 552 42.71 7.37 6.54
C ILE A 552 42.00 6.04 6.82
N LYS A 553 42.08 5.11 5.87
CA LYS A 553 41.42 3.83 6.04
C LYS A 553 42.05 3.05 7.19
N PRO A 554 41.27 2.61 8.16
CA PRO A 554 41.83 1.79 9.24
C PRO A 554 42.33 0.45 8.71
N ASP A 555 43.33 -0.09 9.38
CA ASP A 555 44.04 -1.29 8.94
C ASP A 555 43.86 -2.44 9.91
N ILE A 556 42.63 -2.65 10.40
CA ILE A 556 42.35 -3.81 11.23
C ILE A 556 42.49 -5.07 10.36
N ALA A 557 43.23 -6.05 10.87
CA ALA A 557 43.50 -7.27 10.12
C ALA A 557 42.46 -8.36 10.38
N ASN A 558 42.30 -8.77 11.63
CA ASN A 558 41.35 -9.82 11.98
C ASN A 558 40.28 -9.23 12.89
N TRP A 559 39.02 -9.47 12.54
CA TRP A 559 37.88 -9.02 13.32
C TRP A 559 37.54 -10.09 14.35
N GLU A 560 37.50 -9.69 15.62
CA GLU A 560 37.08 -10.58 16.70
C GLU A 560 35.64 -10.23 17.06
N LEU A 561 34.71 -11.09 16.69
CA LEU A 561 33.29 -10.88 16.88
C LEU A 561 32.74 -11.88 17.89
N SER A 562 31.59 -11.53 18.44
CA SER A 562 30.80 -12.40 19.31
C SER A 562 29.41 -12.48 18.71
N VAL A 563 28.95 -13.70 18.43
CA VAL A 563 27.68 -13.95 17.76
C VAL A 563 26.77 -14.69 18.73
N LYS A 564 25.53 -14.21 18.86
CA LYS A 564 24.56 -14.78 19.77
C LYS A 564 23.48 -15.48 18.94
N LEU A 565 23.68 -16.75 18.64
CA LEU A 565 22.70 -17.56 17.93
C LEU A 565 21.93 -18.38 18.95
N HIS A 566 20.60 -18.21 18.96
CA HIS A 566 19.73 -18.80 19.97
C HIS A 566 20.22 -18.30 21.32
N ASP A 567 20.66 -19.16 22.24
CA ASP A 567 21.17 -18.72 23.53
C ASP A 567 22.69 -18.76 23.58
N LYS A 568 23.31 -19.74 22.95
CA LYS A 568 24.76 -19.90 23.02
C LYS A 568 25.47 -18.72 22.36
N VAL A 569 26.64 -18.40 22.89
CA VAL A 569 27.45 -17.29 22.40
C VAL A 569 28.74 -17.86 21.83
N HIS A 570 29.03 -17.52 20.58
CA HIS A 570 30.17 -18.07 19.86
C HIS A 570 31.15 -16.96 19.52
N THR A 571 32.43 -17.20 19.77
CA THR A 571 33.48 -16.26 19.43
C THR A 571 34.01 -16.58 18.03
N VAL A 572 34.05 -15.57 17.17
CA VAL A 572 34.41 -15.75 15.77
C VAL A 572 35.59 -14.84 15.46
N VAL A 573 36.55 -15.36 14.70
CA VAL A 573 37.66 -14.56 14.20
C VAL A 573 37.59 -14.59 12.69
N ALA A 574 37.30 -13.44 12.08
CA ALA A 574 37.09 -13.35 10.64
C ALA A 574 38.14 -12.44 10.03
N SER A 575 38.84 -12.94 9.01
CA SER A 575 39.82 -12.16 8.29
C SER A 575 39.46 -12.12 6.82
N ASN A 576 39.88 -11.06 6.14
CA ASN A 576 39.54 -10.84 4.75
C ASN A 576 40.78 -10.89 3.87
N ASN A 577 40.59 -11.32 2.63
CA ASN A 577 41.65 -11.28 1.63
C ASN A 577 40.95 -11.23 0.27
N GLY A 578 40.94 -10.05 -0.35
CA GLY A 578 40.23 -9.87 -1.59
C GLY A 578 38.74 -10.08 -1.44
N SER A 579 38.23 -11.19 -1.97
CA SER A 579 36.84 -11.57 -1.82
C SER A 579 36.67 -12.87 -1.05
N VAL A 580 37.67 -13.25 -0.26
CA VAL A 580 37.68 -14.50 0.48
C VAL A 580 37.76 -14.20 1.96
N PHE A 581 36.86 -14.79 2.74
CA PHE A 581 36.80 -14.60 4.18
C PHE A 581 37.23 -15.88 4.86
N SER A 582 38.24 -15.80 5.71
CA SER A 582 38.67 -16.92 6.54
C SER A 582 38.06 -16.73 7.92
N VAL A 583 37.14 -17.60 8.28
CA VAL A 583 36.36 -17.47 9.50
C VAL A 583 36.64 -18.66 10.40
N GLU A 584 37.06 -18.38 11.64
CA GLU A 584 37.28 -19.41 12.65
C GLU A 584 36.18 -19.27 13.69
N VAL A 585 35.39 -20.33 13.85
CA VAL A 585 34.34 -20.41 14.85
C VAL A 585 34.73 -21.52 15.82
N ASP A 586 35.08 -21.13 17.04
CA ASP A 586 35.40 -22.07 18.12
C ASP A 586 36.41 -23.12 17.65
N GLY A 587 37.38 -22.68 16.86
CA GLY A 587 38.42 -23.55 16.34
C GLY A 587 38.23 -24.00 14.90
N SER A 588 36.99 -24.25 14.49
CA SER A 588 36.74 -24.71 13.14
C SER A 588 37.01 -23.59 12.15
N LYS A 589 37.81 -23.87 11.13
CA LYS A 589 38.23 -22.88 10.15
C LYS A 589 37.52 -23.14 8.83
N LEU A 590 36.88 -22.10 8.30
CA LEU A 590 36.10 -22.20 7.08
C LEU A 590 36.42 -21.03 6.16
N ASN A 591 36.17 -21.23 4.87
CA ASN A 591 36.38 -20.20 3.86
C ASN A 591 35.05 -19.86 3.22
N VAL A 592 34.71 -18.58 3.20
CA VAL A 592 33.49 -18.08 2.58
C VAL A 592 33.88 -17.16 1.44
N THR A 593 33.43 -17.49 0.23
CA THR A 593 33.75 -16.70 -0.93
C THR A 593 32.48 -16.40 -1.72
N SER A 594 32.32 -15.15 -2.11
CA SER A 594 31.16 -14.72 -2.88
C SER A 594 31.45 -13.33 -3.43
N THR A 595 30.58 -12.88 -4.33
CA THR A 595 30.69 -11.54 -4.89
C THR A 595 30.43 -10.46 -3.84
N TRP A 596 29.73 -10.80 -2.76
CA TRP A 596 29.43 -9.86 -1.68
C TRP A 596 28.67 -8.64 -2.18
N ASN A 597 27.60 -8.89 -2.94
CA ASN A 597 26.70 -7.84 -3.39
C ASN A 597 25.64 -7.62 -2.30
N LEU A 598 25.80 -6.54 -1.54
CA LEU A 598 25.00 -6.28 -0.35
C LEU A 598 23.71 -5.54 -0.64
N ALA A 599 23.17 -5.65 -1.86
CA ALA A 599 21.92 -5.00 -2.20
C ALA A 599 20.88 -5.94 -2.79
N SER A 600 21.28 -6.99 -3.49
CA SER A 600 20.32 -7.93 -4.05
C SER A 600 19.76 -8.80 -2.93
N PRO A 601 18.46 -9.15 -2.99
CA PRO A 601 17.88 -9.97 -1.92
C PRO A 601 18.51 -11.35 -1.78
N LEU A 602 18.96 -11.95 -2.87
CA LEU A 602 19.53 -13.29 -2.85
C LEU A 602 21.04 -13.19 -2.93
N LEU A 603 21.74 -13.85 -2.01
CA LEU A 603 23.19 -13.85 -2.01
C LEU A 603 23.68 -15.30 -2.00
N SER A 604 24.53 -15.65 -2.96
CA SER A 604 25.06 -16.99 -3.08
C SER A 604 26.52 -16.98 -2.64
N VAL A 605 26.82 -17.66 -1.54
CA VAL A 605 28.17 -17.80 -1.05
C VAL A 605 28.64 -19.23 -1.32
N SER A 606 29.94 -19.47 -1.12
CA SER A 606 30.53 -20.79 -1.32
C SER A 606 31.35 -21.11 -0.07
N VAL A 607 30.71 -21.72 0.93
CA VAL A 607 31.36 -22.07 2.18
C VAL A 607 32.02 -23.43 2.00
N ASP A 608 33.35 -23.45 2.04
CA ASP A 608 34.13 -24.68 1.90
C ASP A 608 33.74 -25.45 0.63
N GLY A 609 33.62 -24.71 -0.46
CA GLY A 609 33.21 -25.30 -1.73
C GLY A 609 31.72 -25.47 -1.89
N THR A 610 31.04 -25.90 -0.82
CA THR A 610 29.59 -26.02 -0.85
C THR A 610 28.96 -24.64 -1.08
N GLN A 611 28.01 -24.58 -1.99
CA GLN A 611 27.35 -23.34 -2.35
C GLN A 611 26.05 -23.20 -1.55
N ARG A 612 25.91 -22.06 -0.86
CA ARG A 612 24.76 -21.79 -0.01
C ARG A 612 24.09 -20.50 -0.45
N THR A 613 22.78 -20.54 -0.61
CA THR A 613 22.00 -19.36 -0.98
C THR A 613 21.25 -18.83 0.23
N VAL A 614 21.48 -17.56 0.57
CA VAL A 614 20.92 -16.96 1.77
C VAL A 614 20.24 -15.65 1.39
N GLN A 615 19.40 -15.18 2.31
CA GLN A 615 18.73 -13.89 2.16
C GLN A 615 18.91 -13.09 3.45
N CYS A 616 19.15 -11.80 3.32
CA CYS A 616 19.30 -10.90 4.46
C CYS A 616 18.02 -10.07 4.57
N LEU A 617 17.11 -10.48 5.44
CA LEU A 617 15.82 -9.81 5.55
C LEU A 617 15.96 -8.43 6.18
N SER A 618 16.70 -8.33 7.28
CA SER A 618 16.77 -7.09 8.03
C SER A 618 18.13 -6.97 8.70
N ARG A 619 18.49 -5.73 9.01
CA ARG A 619 19.76 -5.44 9.68
C ARG A 619 19.61 -4.13 10.45
N GLU A 620 20.36 -3.99 11.53
CA GLU A 620 20.30 -2.82 12.38
C GLU A 620 21.70 -2.40 12.78
N ALA A 621 21.84 -1.13 13.14
CA ALA A 621 23.12 -0.64 13.67
C ALA A 621 23.43 -1.22 15.03
N GLY A 622 22.43 -1.77 15.73
CA GLY A 622 22.67 -2.45 16.99
C GLY A 622 23.30 -3.82 16.84
N GLY A 623 23.40 -4.32 15.61
CA GLY A 623 24.05 -5.58 15.34
C GLY A 623 23.12 -6.71 14.93
N ASN A 624 21.82 -6.59 15.24
CA ASN A 624 20.89 -7.67 14.93
C ASN A 624 20.78 -7.89 13.42
N MET A 625 20.74 -9.15 13.03
CA MET A 625 20.59 -9.56 11.65
C MET A 625 19.57 -10.67 11.55
N SER A 626 18.77 -10.64 10.49
CA SER A 626 17.82 -11.71 10.20
C SER A 626 18.23 -12.37 8.90
N ILE A 627 18.63 -13.63 8.97
CA ILE A 627 19.15 -14.35 7.82
C ILE A 627 18.23 -15.53 7.54
N GLN A 628 17.64 -15.55 6.34
CA GLN A 628 16.99 -16.76 5.84
C GLN A 628 18.07 -17.66 5.26
N PHE A 629 18.24 -18.82 5.88
CA PHE A 629 19.30 -19.76 5.52
C PHE A 629 18.69 -21.15 5.48
N LEU A 630 18.59 -21.73 4.29
CA LEU A 630 17.95 -23.03 4.07
C LEU A 630 16.47 -22.99 4.47
N GLY A 631 15.81 -21.88 4.17
CA GLY A 631 14.38 -21.75 4.39
C GLY A 631 13.95 -21.18 5.73
N THR A 632 14.73 -21.44 6.78
CA THR A 632 14.43 -20.95 8.12
C THR A 632 15.09 -19.60 8.35
N VAL A 633 14.40 -18.73 9.07
CA VAL A 633 14.89 -17.39 9.35
C VAL A 633 15.46 -17.38 10.76
N TYR A 634 16.76 -17.16 10.87
CA TYR A 634 17.45 -17.08 12.15
C TYR A 634 17.81 -15.64 12.47
N LYS A 635 17.62 -15.27 13.73
CA LYS A 635 18.00 -13.96 14.22
C LYS A 635 19.31 -14.08 14.98
N VAL A 636 20.35 -13.38 14.50
CA VAL A 636 21.66 -13.40 15.13
C VAL A 636 21.98 -12.00 15.62
N ASN A 637 22.87 -11.93 16.61
CA ASN A 637 23.28 -10.66 17.21
C ASN A 637 24.80 -10.62 17.24
N ILE A 638 25.39 -9.84 16.34
CA ILE A 638 26.83 -9.80 16.17
C ILE A 638 27.36 -8.52 16.80
N LEU A 639 28.39 -8.65 17.63
CA LEU A 639 29.01 -7.51 18.28
C LEU A 639 30.52 -7.66 18.22
N THR A 640 31.22 -6.53 18.25
CA THR A 640 32.66 -6.63 18.42
C THR A 640 32.98 -7.13 19.82
N ARG A 641 34.20 -7.64 20.00
CA ARG A 641 34.55 -8.21 21.29
C ARG A 641 34.51 -7.16 22.39
N LEU A 642 34.96 -5.94 22.09
CA LEU A 642 34.88 -4.87 23.08
C LEU A 642 33.43 -4.55 23.42
N ALA A 643 32.58 -4.44 22.40
CA ALA A 643 31.17 -4.10 22.65
C ALA A 643 30.47 -5.21 23.42
N ALA A 644 30.73 -6.48 23.06
CA ALA A 644 30.14 -7.58 23.80
C ALA A 644 30.64 -7.61 25.24
N GLU A 645 31.91 -7.30 25.44
CA GLU A 645 32.46 -7.27 26.79
C GLU A 645 31.79 -6.18 27.62
N LEU A 646 31.60 -5.00 27.03
CA LEU A 646 30.96 -3.91 27.75
C LEU A 646 29.47 -4.15 27.97
N ASN A 647 28.82 -4.93 27.11
CA ASN A 647 27.39 -5.16 27.22
C ASN A 647 26.99 -5.90 28.49
N LYS A 648 27.94 -6.52 29.19
CA LYS A 648 27.60 -7.22 30.42
C LYS A 648 27.14 -6.27 31.52
N PHE A 649 27.52 -5.00 31.44
CA PHE A 649 27.13 -4.02 32.44
C PHE A 649 25.74 -3.44 32.18
N MET A 650 25.14 -3.72 31.02
CA MET A 650 23.83 -3.20 30.71
C MET A 650 22.76 -3.97 31.48
N LEU A 651 21.86 -3.24 32.13
CA LEU A 651 20.78 -3.86 32.88
C LEU A 651 19.73 -4.40 31.92
N GLU A 652 19.30 -5.64 32.14
CA GLU A 652 18.33 -6.26 31.26
C GLU A 652 16.95 -5.65 31.46
N LYS A 653 16.25 -5.43 30.36
CA LYS A 653 14.89 -4.88 30.37
C LYS A 653 13.93 -6.02 30.05
N VAL A 654 13.11 -6.40 31.02
CA VAL A 654 12.24 -7.56 30.92
C VAL A 654 10.79 -7.10 30.86
N THR A 655 10.01 -7.75 29.98
CA THR A 655 8.58 -7.53 29.87
C THR A 655 7.87 -8.87 30.00
N GLU A 656 6.85 -8.92 30.86
CA GLU A 656 6.12 -10.15 31.14
C GLU A 656 4.73 -10.08 30.53
N ASP A 657 4.35 -11.12 29.80
CA ASP A 657 3.05 -11.17 29.14
C ASP A 657 2.63 -12.63 28.92
N THR A 658 1.77 -13.13 29.79
CA THR A 658 1.27 -14.50 29.70
C THR A 658 -0.20 -14.54 30.10
N SER A 659 -0.81 -15.70 29.87
CA SER A 659 -2.14 -16.03 30.39
C SER A 659 -3.25 -15.09 29.90
N SER A 660 -3.53 -15.11 28.60
CA SER A 660 -4.68 -14.41 28.05
C SER A 660 -5.94 -15.24 28.23
N VAL A 661 -7.09 -14.57 28.20
CA VAL A 661 -8.38 -15.26 28.27
C VAL A 661 -9.47 -14.33 27.75
N LEU A 662 -10.27 -14.85 26.81
CA LEU A 662 -11.63 -14.36 26.54
C LEU A 662 -12.30 -15.21 25.46
N ARG A 663 -13.63 -15.38 25.56
CA ARG A 663 -14.41 -16.03 24.52
C ARG A 663 -14.84 -15.00 23.48
N SER A 664 -15.82 -15.37 22.63
CA SER A 664 -16.32 -14.46 21.61
C SER A 664 -17.66 -13.89 22.04
N PRO A 665 -17.72 -12.63 22.48
CA PRO A 665 -19.01 -12.06 22.89
C PRO A 665 -19.73 -11.26 21.82
N MET A 666 -19.12 -11.03 20.67
CA MET A 666 -19.84 -10.50 19.52
C MET A 666 -19.50 -11.30 18.28
N PRO A 667 -20.43 -11.37 17.32
CA PRO A 667 -20.15 -12.11 16.07
C PRO A 667 -19.53 -11.22 15.01
N GLY A 668 -19.20 -11.81 13.86
CA GLY A 668 -18.69 -11.07 12.72
C GLY A 668 -17.32 -11.56 12.29
N VAL A 669 -16.87 -11.01 11.18
CA VAL A 669 -15.56 -11.35 10.62
C VAL A 669 -14.49 -10.60 11.38
N VAL A 670 -13.46 -11.32 11.82
CA VAL A 670 -12.36 -10.72 12.57
C VAL A 670 -11.44 -9.98 11.60
N VAL A 671 -11.16 -8.72 11.92
CA VAL A 671 -10.28 -7.90 11.08
C VAL A 671 -8.85 -8.39 11.17
N ALA A 672 -8.36 -8.62 12.39
CA ALA A 672 -6.98 -9.04 12.59
C ALA A 672 -6.86 -9.71 13.96
N VAL A 673 -5.79 -10.48 14.12
CA VAL A 673 -5.50 -11.18 15.37
C VAL A 673 -4.43 -10.40 16.12
N SER A 674 -4.62 -10.22 17.42
CA SER A 674 -3.74 -9.38 18.21
C SER A 674 -3.06 -10.11 19.36
N VAL A 675 -3.32 -11.40 19.57
CA VAL A 675 -2.72 -12.14 20.66
C VAL A 675 -2.19 -13.47 20.14
N LYS A 676 -1.32 -14.07 20.95
CA LYS A 676 -0.73 -15.39 20.72
C LYS A 676 -0.78 -16.14 22.04
N PRO A 677 -0.93 -17.48 22.01
CA PRO A 677 -0.95 -18.25 23.25
C PRO A 677 0.19 -17.90 24.20
N GLY A 678 -0.15 -17.35 25.37
CA GLY A 678 0.84 -16.85 26.29
C GLY A 678 1.03 -15.35 26.20
N ASP A 679 -0.06 -14.60 26.27
CA ASP A 679 -0.03 -13.14 26.24
C ASP A 679 -0.80 -12.59 27.44
N ALA A 680 -0.39 -11.41 27.90
CA ALA A 680 -1.03 -10.79 29.05
C ALA A 680 -2.35 -10.15 28.69
N VAL A 681 -3.31 -10.22 29.61
CA VAL A 681 -4.58 -9.50 29.53
C VAL A 681 -4.89 -8.88 30.88
N ALA A 682 -5.77 -7.89 30.84
CA ALA A 682 -6.24 -7.21 32.03
C ALA A 682 -7.66 -6.73 31.77
N GLU A 683 -8.15 -5.81 32.60
CA GLU A 683 -9.47 -5.22 32.42
C GLU A 683 -9.40 -4.22 31.26
N GLY A 684 -9.65 -4.70 30.05
CA GLY A 684 -9.60 -3.86 28.87
C GLY A 684 -8.66 -4.32 27.77
N GLN A 685 -8.06 -5.50 27.89
CA GLN A 685 -7.15 -6.02 26.87
C GLN A 685 -7.96 -6.74 25.81
N GLU A 686 -7.73 -6.37 24.54
CA GLU A 686 -8.47 -6.96 23.43
C GLU A 686 -7.71 -8.16 22.86
N ILE A 687 -8.42 -9.28 22.71
CA ILE A 687 -7.84 -10.45 22.06
C ILE A 687 -7.63 -10.20 20.57
N CYS A 688 -8.63 -9.63 19.92
CA CYS A 688 -8.60 -9.34 18.49
C CYS A 688 -9.62 -8.25 18.22
N VAL A 689 -9.84 -7.95 16.94
CA VAL A 689 -10.79 -6.92 16.52
C VAL A 689 -11.92 -7.62 15.76
N ILE A 690 -13.15 -7.46 16.24
CA ILE A 690 -14.32 -8.10 15.66
C ILE A 690 -15.26 -6.99 15.18
N GLU A 691 -15.72 -7.11 13.93
CA GLU A 691 -16.65 -6.17 13.33
C GLU A 691 -18.02 -6.83 13.26
N ALA A 692 -19.03 -6.16 13.83
CA ALA A 692 -20.40 -6.67 13.87
C ALA A 692 -21.34 -5.59 13.37
N MET A 693 -21.67 -5.62 12.07
CA MET A 693 -22.56 -4.67 11.45
C MET A 693 -22.03 -3.23 11.60
N LYS A 694 -20.88 -2.99 10.96
CA LYS A 694 -20.30 -1.65 10.84
C LYS A 694 -19.96 -1.05 12.20
N MET A 695 -19.36 -1.87 13.07
CA MET A 695 -18.78 -1.37 14.32
C MET A 695 -17.74 -2.37 14.79
N GLN A 696 -16.56 -1.88 15.16
CA GLN A 696 -15.48 -2.73 15.65
C GLN A 696 -15.25 -2.40 17.12
N ASN A 697 -16.03 -3.05 17.97
CA ASN A 697 -15.94 -2.83 19.40
C ASN A 697 -14.66 -3.45 19.97
N SER A 698 -14.06 -2.75 20.93
CA SER A 698 -12.94 -3.32 21.65
C SER A 698 -13.45 -4.31 22.70
N MET A 699 -13.02 -5.55 22.55
CA MET A 699 -13.51 -6.65 23.39
C MET A 699 -12.60 -6.84 24.61
N THR A 700 -13.02 -6.20 25.70
CA THR A 700 -12.27 -6.18 26.95
C THR A 700 -12.24 -7.56 27.61
N ALA A 701 -11.05 -8.02 27.96
CA ALA A 701 -10.90 -9.30 28.65
C ALA A 701 -11.55 -9.26 30.02
N GLY A 702 -11.01 -8.45 30.92
CA GLY A 702 -11.57 -8.28 32.25
C GLY A 702 -11.25 -9.38 33.24
N LYS A 703 -10.45 -10.37 32.84
CA LYS A 703 -10.12 -11.48 33.73
C LYS A 703 -8.82 -12.12 33.26
N THR A 704 -8.26 -12.97 34.12
CA THR A 704 -7.00 -13.66 33.85
C THR A 704 -7.25 -15.16 33.82
N GLY A 705 -6.77 -15.82 32.77
CA GLY A 705 -6.97 -17.24 32.59
C GLY A 705 -5.76 -17.93 32.00
N THR A 706 -5.97 -18.72 30.94
CA THR A 706 -4.87 -19.38 30.25
C THR A 706 -5.32 -19.82 28.87
N VAL A 707 -4.66 -19.29 27.84
CA VAL A 707 -4.88 -19.73 26.47
C VAL A 707 -4.28 -21.11 26.26
N LYS A 708 -4.98 -21.95 25.52
CA LYS A 708 -4.35 -23.19 25.07
C LYS A 708 -4.25 -23.29 23.55
N SER A 709 -5.20 -22.73 22.82
CA SER A 709 -5.07 -22.55 21.38
C SER A 709 -6.02 -21.44 20.94
N VAL A 710 -5.79 -20.91 19.75
CA VAL A 710 -6.50 -19.76 19.22
C VAL A 710 -7.28 -20.17 17.98
N HIS A 711 -8.57 -19.82 17.93
CA HIS A 711 -9.42 -20.12 16.79
C HIS A 711 -9.80 -18.91 15.96
N CYS A 712 -9.40 -17.71 16.34
CA CYS A 712 -9.71 -16.50 15.59
C CYS A 712 -8.59 -16.23 14.59
N GLN A 713 -8.92 -16.23 13.30
CA GLN A 713 -7.96 -16.00 12.24
C GLN A 713 -8.55 -14.98 11.27
N ALA A 714 -7.77 -13.96 10.93
CA ALA A 714 -8.24 -12.89 10.06
C ALA A 714 -8.78 -13.45 8.75
N GLY A 715 -10.02 -13.08 8.42
CA GLY A 715 -10.72 -13.61 7.28
C GLY A 715 -11.71 -14.72 7.58
N ASP A 716 -11.89 -15.06 8.84
CA ASP A 716 -12.83 -16.10 9.25
C ASP A 716 -14.05 -15.46 9.89
N THR A 717 -15.24 -15.86 9.42
CA THR A 717 -16.49 -15.36 9.96
C THR A 717 -16.86 -16.19 11.18
N VAL A 718 -16.40 -15.74 12.35
CA VAL A 718 -16.61 -16.45 13.60
C VAL A 718 -17.72 -15.73 14.37
N GLY A 719 -18.76 -16.46 14.73
CA GLY A 719 -19.95 -15.88 15.32
C GLY A 719 -19.84 -15.67 16.81
N GLU A 720 -20.95 -15.22 17.39
CA GLU A 720 -21.01 -14.92 18.82
C GLU A 720 -21.00 -16.22 19.62
N GLY A 721 -20.25 -16.24 20.71
CA GLY A 721 -20.15 -17.42 21.54
C GLY A 721 -19.40 -18.58 20.92
N ASP A 722 -18.55 -18.32 19.92
CA ASP A 722 -17.83 -19.37 19.23
C ASP A 722 -16.41 -19.56 19.74
N LEU A 723 -16.05 -18.92 20.85
CA LEU A 723 -14.79 -19.15 21.54
C LEU A 723 -13.60 -18.89 20.61
N LEU A 724 -13.43 -17.60 20.31
CA LEU A 724 -12.33 -17.13 19.44
C LEU A 724 -11.00 -17.70 19.91
N VAL A 725 -10.79 -17.76 21.22
CA VAL A 725 -9.62 -18.37 21.82
C VAL A 725 -10.08 -19.30 22.92
N GLU A 726 -9.59 -20.54 22.90
CA GLU A 726 -10.02 -21.52 23.90
C GLU A 726 -9.09 -21.51 25.10
N LEU A 727 -9.68 -21.66 26.28
CA LEU A 727 -9.13 -21.11 27.51
C LEU A 727 -9.54 -22.00 28.68
N GLU A 728 -9.17 -21.55 29.88
CA GLU A 728 -9.55 -22.24 31.11
C GLU A 728 -10.50 -21.40 31.94
N ASP B 1 23.56 -1.71 -5.63
CA ASP B 1 22.16 -1.28 -5.75
C ASP B 1 21.99 -0.39 -6.97
N PRO B 2 21.45 -0.95 -8.05
CA PRO B 2 21.37 -0.20 -9.30
C PRO B 2 20.53 1.07 -9.15
N SER B 3 20.96 2.12 -9.84
CA SER B 3 20.27 3.40 -9.75
C SER B 3 18.94 3.40 -10.48
N ASP B 4 18.80 2.62 -11.55
CA ASP B 4 17.59 2.60 -12.35
C ASP B 4 16.66 1.46 -11.97
N ARG B 5 16.73 1.01 -10.72
CA ARG B 5 15.88 -0.08 -10.27
C ARG B 5 14.42 0.35 -10.32
N LEU B 6 13.57 -0.51 -10.87
CA LEU B 6 12.14 -0.24 -10.91
C LEU B 6 11.50 -0.62 -9.58
N VAL B 7 10.42 0.08 -9.24
CA VAL B 7 9.70 -0.16 -8.00
C VAL B 7 8.23 -0.43 -8.34
N PRO B 8 7.91 -1.61 -8.87
CA PRO B 8 6.51 -1.89 -9.20
C PRO B 8 5.60 -1.99 -7.99
N GLU B 9 6.15 -2.23 -6.80
CA GLU B 9 5.32 -2.29 -5.60
C GLU B 9 4.61 -0.97 -5.31
N LEU B 10 5.09 0.13 -5.88
CA LEU B 10 4.47 1.43 -5.72
C LEU B 10 3.40 1.71 -6.75
N ASP B 11 3.14 0.77 -7.67
CA ASP B 11 2.13 1.01 -8.70
C ASP B 11 0.76 1.24 -8.11
N THR B 12 0.37 0.43 -7.13
CA THR B 12 -0.96 0.49 -6.52
C THR B 12 -0.86 0.62 -5.01
N ILE B 13 -0.01 1.53 -4.55
CA ILE B 13 0.07 1.79 -3.12
C ILE B 13 -0.86 2.93 -2.72
N VAL B 14 -1.21 3.80 -3.65
CA VAL B 14 -2.15 4.90 -3.40
C VAL B 14 -3.55 4.37 -3.66
N PRO B 15 -4.40 4.25 -2.64
CA PRO B 15 -5.74 3.73 -2.87
C PRO B 15 -6.58 4.66 -3.73
N LEU B 16 -7.48 4.06 -4.50
CA LEU B 16 -8.28 4.83 -5.45
C LEU B 16 -9.17 5.84 -4.75
N GLU B 17 -9.92 5.41 -3.74
CA GLU B 17 -10.81 6.32 -3.03
C GLU B 17 -10.03 7.22 -2.08
N SER B 18 -10.52 8.44 -1.92
CA SER B 18 -9.81 9.48 -1.18
C SER B 18 -10.01 9.39 0.32
N THR B 19 -10.81 8.44 0.81
CA THR B 19 -11.03 8.27 2.24
C THR B 19 -10.22 7.13 2.83
N LYS B 20 -9.24 6.62 2.10
CA LYS B 20 -8.37 5.56 2.59
C LYS B 20 -6.95 6.09 2.78
N ALA B 21 -6.22 5.45 3.68
CA ALA B 21 -4.88 5.87 4.04
C ALA B 21 -3.87 4.79 3.67
N TYR B 22 -2.60 5.17 3.70
CA TYR B 22 -1.50 4.26 3.43
C TYR B 22 -0.27 4.75 4.18
N ASN B 23 0.75 3.89 4.22
CA ASN B 23 1.98 4.19 4.94
C ASN B 23 2.98 4.77 3.95
N MET B 24 3.27 6.08 4.10
CA MET B 24 4.26 6.72 3.25
C MET B 24 5.65 6.12 3.44
N VAL B 25 5.90 5.51 4.59
CA VAL B 25 7.22 4.94 4.87
C VAL B 25 7.48 3.74 3.96
N ASP B 26 6.43 3.03 3.53
CA ASP B 26 6.61 1.98 2.53
C ASP B 26 7.12 2.55 1.22
N ILE B 27 6.57 3.70 0.80
CA ILE B 27 7.06 4.36 -0.40
C ILE B 27 8.51 4.78 -0.23
N ILE B 28 8.84 5.35 0.93
CA ILE B 28 10.22 5.76 1.18
C ILE B 28 11.15 4.56 1.10
N HIS B 29 10.78 3.44 1.72
CA HIS B 29 11.63 2.25 1.70
C HIS B 29 11.80 1.72 0.29
N SER B 30 10.73 1.72 -0.51
CA SER B 30 10.83 1.26 -1.89
C SER B 30 11.79 2.12 -2.70
N VAL B 31 11.75 3.44 -2.49
CA VAL B 31 12.52 4.34 -3.35
C VAL B 31 14.00 4.34 -2.99
N VAL B 32 14.34 4.42 -1.71
CA VAL B 32 15.72 4.70 -1.30
C VAL B 32 16.62 3.48 -1.44
N ASP B 33 17.93 3.69 -1.33
CA ASP B 33 18.90 2.62 -1.47
C ASP B 33 18.70 1.54 -0.41
N GLU B 34 18.64 0.30 -0.85
CA GLU B 34 18.63 -0.88 0.03
C GLU B 34 17.54 -0.82 1.09
N ARG B 35 16.52 0.01 0.87
CA ARG B 35 15.39 0.16 1.79
C ARG B 35 15.86 0.51 3.19
N GLU B 36 16.89 1.36 3.28
CA GLU B 36 17.45 1.82 4.54
C GLU B 36 17.12 3.28 4.73
N PHE B 37 16.62 3.64 5.91
CA PHE B 37 16.10 4.97 6.17
C PHE B 37 16.24 5.25 7.66
N PHE B 38 17.05 6.23 8.02
CA PHE B 38 17.25 6.64 9.40
C PHE B 38 16.24 7.74 9.72
N GLU B 39 15.25 7.43 10.54
CA GLU B 39 14.19 8.37 10.82
C GLU B 39 14.58 9.30 11.97
N ILE B 40 14.07 10.53 11.92
CA ILE B 40 14.29 11.53 12.95
C ILE B 40 12.95 11.85 13.60
N MET B 41 12.92 11.86 14.92
CA MET B 41 11.69 12.03 15.68
C MET B 41 10.60 11.08 15.19
N PRO B 42 10.83 9.78 15.22
CA PRO B 42 9.82 8.84 14.69
C PRO B 42 8.58 8.72 15.56
N ASN B 43 8.59 9.26 16.78
CA ASN B 43 7.44 9.16 17.67
C ASN B 43 6.79 10.50 17.98
N TYR B 44 7.35 11.61 17.52
CA TYR B 44 6.83 12.94 17.79
C TYR B 44 6.26 13.52 16.51
N ALA B 45 5.03 14.03 16.59
CA ALA B 45 4.33 14.60 15.44
C ALA B 45 4.39 13.64 14.27
N LYS B 46 3.78 12.47 14.47
CA LYS B 46 3.90 11.37 13.52
C LYS B 46 3.18 11.62 12.20
N ASN B 47 2.60 12.78 11.98
CA ASN B 47 1.94 13.05 10.70
C ASN B 47 2.89 13.68 9.68
N ILE B 48 4.18 13.82 10.01
CA ILE B 48 5.19 14.17 9.04
C ILE B 48 6.39 13.25 9.25
N ILE B 49 7.02 12.84 8.15
CA ILE B 49 8.13 11.89 8.17
C ILE B 49 9.36 12.60 7.67
N VAL B 50 10.41 12.63 8.50
CA VAL B 50 11.68 13.24 8.14
C VAL B 50 12.81 12.28 8.49
N GLY B 51 13.81 12.20 7.64
CA GLY B 51 14.93 11.33 7.93
C GLY B 51 16.01 11.42 6.87
N PHE B 52 17.04 10.60 7.05
CA PHE B 52 18.15 10.51 6.12
C PHE B 52 18.13 9.19 5.39
N ALA B 53 18.49 9.21 4.11
CA ALA B 53 18.61 8.00 3.33
C ALA B 53 19.75 8.20 2.34
N ARG B 54 19.94 7.22 1.48
CA ARG B 54 20.97 7.32 0.45
C ARG B 54 20.33 7.03 -0.90
N MET B 55 20.73 7.81 -1.89
CA MET B 55 20.31 7.60 -3.27
C MET B 55 21.57 7.52 -4.12
N ASN B 56 21.81 6.36 -4.72
CA ASN B 56 23.01 6.10 -5.52
C ASN B 56 24.27 6.39 -4.71
N GLY B 57 24.22 6.16 -3.40
CA GLY B 57 25.35 6.39 -2.54
C GLY B 57 25.45 7.77 -1.95
N ARG B 58 24.65 8.72 -2.42
CA ARG B 58 24.70 10.09 -1.92
C ARG B 58 23.66 10.29 -0.83
N THR B 59 24.04 10.97 0.24
CA THR B 59 23.11 11.24 1.32
C THR B 59 22.01 12.18 0.86
N VAL B 60 20.76 11.84 1.17
CA VAL B 60 19.62 12.66 0.84
C VAL B 60 18.73 12.76 2.06
N GLY B 61 17.98 13.86 2.15
CA GLY B 61 17.06 14.08 3.25
C GLY B 61 15.63 13.96 2.78
N ILE B 62 14.92 12.99 3.35
CA ILE B 62 13.56 12.67 2.95
C ILE B 62 12.59 13.38 3.88
N VAL B 63 11.63 14.09 3.29
CA VAL B 63 10.52 14.73 3.99
C VAL B 63 9.24 14.29 3.30
N GLY B 64 8.20 14.03 4.07
CA GLY B 64 6.96 13.57 3.47
C GLY B 64 5.79 13.66 4.43
N ASN B 65 4.60 13.64 3.85
CA ASN B 65 3.37 13.63 4.63
C ASN B 65 2.92 12.20 4.87
N GLN B 66 2.43 11.94 6.08
CA GLN B 66 1.97 10.61 6.45
C GLN B 66 0.45 10.61 6.44
N PRO B 67 -0.20 10.05 5.42
CA PRO B 67 -1.67 10.07 5.38
C PRO B 67 -2.34 9.18 6.42
N LYS B 68 -1.59 8.54 7.31
CA LYS B 68 -2.21 7.75 8.37
C LYS B 68 -2.58 8.62 9.56
N VAL B 69 -1.61 9.30 10.13
CA VAL B 69 -1.82 10.06 11.36
C VAL B 69 -2.43 11.40 11.01
N ALA B 70 -3.59 11.69 11.60
CA ALA B 70 -4.29 12.95 11.41
C ALA B 70 -4.52 13.26 9.93
N SER B 71 -4.71 12.21 9.14
CA SER B 71 -4.95 12.29 7.70
C SER B 71 -3.82 12.99 6.95
N GLY B 72 -2.67 13.18 7.58
CA GLY B 72 -1.58 13.90 6.97
C GLY B 72 -1.66 15.40 7.08
N CYS B 73 -2.65 15.94 7.80
CA CYS B 73 -2.81 17.37 7.93
C CYS B 73 -1.62 17.99 8.66
N LEU B 74 -1.22 19.18 8.22
CA LEU B 74 -0.11 19.88 8.86
C LEU B 74 -0.60 20.62 10.09
N ASP B 75 0.23 20.63 11.13
CA ASP B 75 -0.07 21.35 12.36
C ASP B 75 1.22 22.00 12.86
N ILE B 76 1.18 22.48 14.10
CA ILE B 76 2.30 23.23 14.64
C ILE B 76 3.53 22.34 14.82
N ASN B 77 3.35 21.20 15.48
CA ASN B 77 4.47 20.34 15.80
C ASN B 77 5.13 19.81 14.53
N SER B 78 4.33 19.35 13.58
CA SER B 78 4.88 18.87 12.33
C SER B 78 5.59 19.99 11.58
N SER B 79 5.05 21.20 11.66
CA SER B 79 5.68 22.34 10.99
C SER B 79 7.07 22.59 11.53
N VAL B 80 7.21 22.67 12.85
CA VAL B 80 8.53 22.91 13.42
C VAL B 80 9.47 21.74 13.14
N LYS B 81 8.95 20.51 13.29
CA LYS B 81 9.78 19.33 13.11
C LYS B 81 10.34 19.25 11.69
N GLY B 82 9.51 19.53 10.69
CA GLY B 82 9.99 19.52 9.32
C GLY B 82 10.85 20.72 9.01
N ALA B 83 10.53 21.87 9.59
CA ALA B 83 11.26 23.10 9.26
C ALA B 83 12.71 23.01 9.71
N ARG B 84 12.95 22.56 10.94
CA ARG B 84 14.34 22.50 11.38
C ARG B 84 15.15 21.47 10.61
N PHE B 85 14.53 20.34 10.26
CA PHE B 85 15.21 19.33 9.47
C PHE B 85 15.59 19.87 8.09
N VAL B 86 14.66 20.57 7.45
CA VAL B 86 14.96 21.15 6.13
C VAL B 86 16.08 22.17 6.23
N ARG B 87 16.06 23.00 7.28
CA ARG B 87 17.11 23.99 7.45
C ARG B 87 18.46 23.33 7.65
N PHE B 88 18.51 22.25 8.43
CA PHE B 88 19.78 21.55 8.61
C PHE B 88 20.28 20.97 7.29
N CYS B 89 19.41 20.29 6.56
CA CYS B 89 19.83 19.71 5.29
C CYS B 89 20.30 20.79 4.33
N ASP B 90 19.73 21.99 4.43
CA ASP B 90 20.23 23.12 3.66
C ASP B 90 21.64 23.49 4.06
N ALA B 91 21.88 23.62 5.37
CA ALA B 91 23.16 24.14 5.84
C ALA B 91 24.34 23.29 5.39
N PHE B 92 24.11 22.04 5.01
CA PHE B 92 25.20 21.11 4.73
C PHE B 92 25.05 20.44 3.36
N ASN B 93 24.44 21.13 2.41
CA ASN B 93 24.47 20.76 1.01
C ASN B 93 23.91 19.36 0.75
N ILE B 94 22.89 18.97 1.52
CA ILE B 94 22.25 17.67 1.39
C ILE B 94 20.97 17.85 0.59
N PRO B 95 20.80 17.16 -0.55
CA PRO B 95 19.58 17.33 -1.34
C PRO B 95 18.34 16.89 -0.58
N LEU B 96 17.20 17.44 -0.98
CA LEU B 96 15.92 17.19 -0.33
C LEU B 96 14.94 16.56 -1.30
N ILE B 97 14.19 15.57 -0.82
CA ILE B 97 13.16 14.89 -1.59
C ILE B 97 11.88 14.92 -0.78
N THR B 98 10.79 15.35 -1.41
CA THR B 98 9.52 15.55 -0.74
C THR B 98 8.45 14.65 -1.34
N PHE B 99 7.63 14.06 -0.48
CA PHE B 99 6.45 13.30 -0.90
C PHE B 99 5.22 13.98 -0.34
N VAL B 100 4.39 14.53 -1.21
CA VAL B 100 3.30 15.42 -0.82
C VAL B 100 2.00 14.64 -0.92
N ASP B 101 1.35 14.43 0.22
CA ASP B 101 0.00 13.86 0.28
C ASP B 101 -0.82 14.59 1.34
N VAL B 102 -0.76 15.90 1.34
CA VAL B 102 -1.35 16.72 2.39
C VAL B 102 -2.73 17.22 1.94
N PRO B 103 -3.78 17.03 2.74
CA PRO B 103 -5.08 17.59 2.37
C PRO B 103 -5.22 19.05 2.75
N GLY B 104 -4.48 19.49 3.74
CA GLY B 104 -4.52 20.88 4.17
C GLY B 104 -4.05 21.00 5.59
N PHE B 105 -4.15 22.23 6.10
CA PHE B 105 -3.79 22.50 7.48
C PHE B 105 -4.89 22.03 8.42
N LEU B 106 -4.50 21.65 9.62
CA LEU B 106 -5.45 21.11 10.59
C LEU B 106 -6.25 22.25 11.17
N PRO B 107 -7.58 22.21 11.11
CA PRO B 107 -8.40 23.30 11.68
C PRO B 107 -8.79 23.04 13.12
N GLY B 108 -8.93 24.12 13.85
CA GLY B 108 -9.30 24.04 15.24
C GLY B 108 -9.04 25.35 15.95
N THR B 109 -9.48 25.40 17.21
CA THR B 109 -9.25 26.58 18.04
C THR B 109 -7.91 26.52 18.77
N ALA B 110 -7.53 25.34 19.24
CA ALA B 110 -6.23 25.20 19.89
C ALA B 110 -5.09 25.47 18.92
N GLN B 111 -5.26 25.04 17.67
CA GLN B 111 -4.26 25.32 16.65
C GLN B 111 -4.12 26.82 16.41
N GLU B 112 -5.23 27.53 16.38
CA GLU B 112 -5.17 28.97 16.13
C GLU B 112 -4.57 29.71 17.32
N TYR B 113 -5.01 29.37 18.53
CA TYR B 113 -4.46 30.01 19.72
C TYR B 113 -3.00 29.65 19.94
N GLY B 114 -2.55 28.52 19.39
CA GLY B 114 -1.15 28.18 19.51
C GLY B 114 -0.24 28.85 18.52
N GLY B 115 -0.79 29.56 17.55
CA GLY B 115 0.01 30.25 16.56
C GLY B 115 0.35 29.36 15.38
N ILE B 116 -0.66 28.72 14.79
CA ILE B 116 -0.42 27.86 13.64
C ILE B 116 0.12 28.67 12.47
N ILE B 117 -0.23 29.95 12.40
CA ILE B 117 0.26 30.80 11.32
C ILE B 117 1.78 30.91 11.37
N ARG B 118 2.34 31.13 12.56
CA ARG B 118 3.77 31.29 12.71
C ARG B 118 4.53 30.04 12.30
N HIS B 119 4.04 28.87 12.72
CA HIS B 119 4.77 27.64 12.45
C HIS B 119 4.59 27.17 11.00
N GLY B 120 3.40 27.37 10.44
CA GLY B 120 3.24 27.15 9.02
C GLY B 120 4.17 28.04 8.21
N ALA B 121 4.32 29.29 8.63
CA ALA B 121 5.29 30.18 8.00
C ALA B 121 6.71 29.66 8.19
N LYS B 122 7.00 29.05 9.33
CA LYS B 122 8.33 28.46 9.54
C LYS B 122 8.62 27.41 8.47
N LEU B 123 7.68 26.49 8.25
CA LEU B 123 7.89 25.47 7.23
C LEU B 123 7.99 26.07 5.83
N LEU B 124 7.12 27.03 5.52
CA LEU B 124 7.16 27.68 4.21
C LEU B 124 8.49 28.37 3.98
N TYR B 125 9.01 29.08 5.00
CA TYR B 125 10.30 29.73 4.88
C TYR B 125 11.42 28.72 4.72
N ALA B 126 11.35 27.61 5.46
CA ALA B 126 12.41 26.61 5.36
C ALA B 126 12.49 26.05 3.96
N PHE B 127 11.34 25.82 3.31
CA PHE B 127 11.40 25.32 1.95
C PHE B 127 11.75 26.41 0.94
N ALA B 128 11.30 27.64 1.15
CA ALA B 128 11.55 28.70 0.18
C ALA B 128 12.99 29.20 0.22
N GLU B 129 13.70 28.97 1.33
CA GLU B 129 15.08 29.39 1.45
C GLU B 129 16.05 28.40 0.83
N ALA B 130 15.59 27.20 0.51
CA ALA B 130 16.50 26.12 0.17
C ALA B 130 17.19 26.36 -1.16
N THR B 131 18.52 26.30 -1.16
CA THR B 131 19.32 26.40 -2.36
C THR B 131 19.94 25.07 -2.76
N VAL B 132 19.61 23.99 -2.06
CA VAL B 132 20.07 22.66 -2.42
C VAL B 132 19.08 22.08 -3.43
N PRO B 133 19.45 21.07 -4.21
CA PRO B 133 18.48 20.47 -5.12
C PRO B 133 17.30 19.89 -4.37
N LYS B 134 16.09 20.16 -4.87
CA LYS B 134 14.86 19.68 -4.26
C LYS B 134 14.02 18.98 -5.32
N VAL B 135 13.63 17.74 -5.04
CA VAL B 135 12.80 16.95 -5.92
C VAL B 135 11.50 16.64 -5.20
N THR B 136 10.37 16.92 -5.84
CA THR B 136 9.07 16.79 -5.21
C THR B 136 8.20 15.83 -6.00
N VAL B 137 7.56 14.90 -5.29
CA VAL B 137 6.64 13.94 -5.88
C VAL B 137 5.32 14.06 -5.16
N ILE B 138 4.23 14.19 -5.92
CA ILE B 138 2.90 14.37 -5.37
C ILE B 138 2.14 13.06 -5.57
N THR B 139 2.01 12.28 -4.50
CA THR B 139 1.36 10.98 -4.61
C THR B 139 -0.15 11.13 -4.75
N ARG B 140 -0.76 12.01 -3.96
CA ARG B 140 -2.21 12.16 -3.94
C ARG B 140 -2.53 13.61 -3.59
N LYS B 141 -3.75 13.82 -3.08
CA LYS B 141 -4.32 15.12 -2.79
C LYS B 141 -3.31 16.15 -2.30
N ALA B 142 -3.33 17.33 -2.92
CA ALA B 142 -2.56 18.49 -2.48
C ALA B 142 -3.44 19.72 -2.72
N TYR B 143 -4.21 20.11 -1.71
CA TYR B 143 -5.10 21.24 -1.79
C TYR B 143 -4.65 22.36 -0.86
N GLY B 144 -5.31 23.51 -1.00
CA GLY B 144 -5.16 24.59 -0.07
C GLY B 144 -3.77 25.20 -0.09
N GLY B 145 -3.44 25.87 1.02
CA GLY B 145 -2.11 26.45 1.16
C GLY B 145 -1.03 25.39 1.18
N ALA B 146 -1.31 24.25 1.80
CA ALA B 146 -0.30 23.23 2.00
C ALA B 146 0.36 22.79 0.70
N TYR B 147 -0.39 22.85 -0.42
CA TYR B 147 0.18 22.44 -1.70
C TYR B 147 1.47 23.18 -2.00
N TYR B 148 1.51 24.48 -1.75
CA TYR B 148 2.74 25.22 -1.95
C TYR B 148 3.56 25.37 -0.69
N VAL B 149 3.05 24.94 0.47
CA VAL B 149 3.90 24.88 1.64
C VAL B 149 4.90 23.74 1.49
N MET B 150 4.48 22.64 0.88
CA MET B 150 5.32 21.45 0.72
C MET B 150 6.15 21.51 -0.56
N SER B 151 6.91 22.60 -0.73
CA SER B 151 7.90 22.74 -1.79
C SER B 151 7.27 22.59 -3.17
N SER B 152 6.40 23.54 -3.49
CA SER B 152 5.87 23.60 -4.84
C SER B 152 6.95 24.07 -5.81
N LYS B 153 6.67 23.94 -7.10
CA LYS B 153 7.60 24.45 -8.10
C LYS B 153 7.75 25.95 -8.01
N HIS B 154 6.76 26.63 -7.44
CA HIS B 154 6.75 28.08 -7.38
C HIS B 154 7.71 28.64 -6.34
N LEU B 155 8.22 27.77 -5.45
CA LEU B 155 9.22 28.15 -4.47
C LEU B 155 10.63 27.89 -4.95
N CYS B 156 10.85 28.06 -6.26
CA CYS B 156 12.13 27.73 -6.91
C CYS B 156 12.44 26.25 -6.77
N GLY B 157 11.40 25.42 -6.80
CA GLY B 157 11.60 23.99 -6.86
C GLY B 157 12.21 23.56 -8.18
N ASP B 158 13.04 22.53 -8.14
CA ASP B 158 13.79 22.15 -9.32
C ASP B 158 12.98 21.27 -10.27
N THR B 159 12.56 20.09 -9.81
CA THR B 159 11.78 19.18 -10.63
C THR B 159 10.61 18.67 -9.80
N ASN B 160 9.40 18.90 -10.29
CA ASN B 160 8.18 18.47 -9.61
C ASN B 160 7.47 17.43 -10.48
N TYR B 161 7.18 16.28 -9.89
CA TYR B 161 6.50 15.20 -10.57
C TYR B 161 5.18 14.91 -9.90
N ALA B 162 4.29 14.24 -10.62
CA ALA B 162 2.99 13.88 -10.09
C ALA B 162 2.67 12.46 -10.49
N TRP B 163 2.18 11.67 -9.54
CA TRP B 163 1.65 10.37 -9.85
C TRP B 163 0.31 10.52 -10.55
N PRO B 164 -0.13 9.50 -11.29
CA PRO B 164 -1.43 9.61 -11.96
C PRO B 164 -2.61 9.71 -11.02
N THR B 165 -2.38 9.64 -9.71
CA THR B 165 -3.43 9.79 -8.71
C THR B 165 -3.42 11.15 -8.02
N ALA B 166 -2.63 12.09 -8.52
CA ALA B 166 -2.54 13.40 -7.89
C ALA B 166 -3.81 14.21 -8.11
N GLU B 167 -4.11 15.07 -7.13
CA GLU B 167 -5.27 15.97 -7.20
C GLU B 167 -4.81 17.33 -6.68
N ILE B 168 -4.36 18.18 -7.59
CA ILE B 168 -3.97 19.55 -7.26
C ILE B 168 -5.17 20.45 -7.47
N ALA B 169 -5.55 21.21 -6.44
CA ALA B 169 -6.72 22.05 -6.51
C ALA B 169 -6.53 23.25 -5.59
N VAL B 170 -7.34 24.29 -5.83
CA VAL B 170 -7.27 25.48 -4.99
C VAL B 170 -7.67 25.15 -3.56
N MET B 171 -8.74 24.38 -3.41
CA MET B 171 -9.21 23.92 -2.11
C MET B 171 -10.18 22.77 -2.38
N GLY B 172 -10.95 22.38 -1.36
CA GLY B 172 -11.86 21.26 -1.48
C GLY B 172 -12.77 21.38 -2.68
N ALA B 173 -12.78 20.34 -3.52
CA ALA B 173 -13.52 20.40 -4.78
C ALA B 173 -15.00 20.69 -4.53
N LYS B 174 -15.59 20.02 -3.54
CA LYS B 174 -16.97 20.33 -3.19
C LYS B 174 -17.10 21.76 -2.69
N GLY B 175 -16.14 22.22 -1.88
CA GLY B 175 -16.14 23.60 -1.45
C GLY B 175 -15.97 24.57 -2.61
N ALA B 176 -15.12 24.20 -3.57
CA ALA B 176 -14.97 25.04 -4.76
C ALA B 176 -16.27 25.15 -5.54
N VAL B 177 -16.98 24.03 -5.70
CA VAL B 177 -18.26 24.08 -6.40
C VAL B 177 -19.26 24.93 -5.63
N GLU B 178 -19.33 24.75 -4.31
CA GLU B 178 -20.29 25.52 -3.51
C GLU B 178 -19.94 26.99 -3.45
N ILE B 179 -18.67 27.36 -3.68
CA ILE B 179 -18.29 28.77 -3.64
C ILE B 179 -18.33 29.43 -5.01
N ILE B 180 -18.27 28.65 -6.10
CA ILE B 180 -18.36 29.22 -7.44
C ILE B 180 -19.80 29.23 -7.93
N PHE B 181 -20.50 28.11 -7.82
CA PHE B 181 -21.85 27.96 -8.35
C PHE B 181 -22.91 28.13 -7.26
N LYS B 182 -22.66 29.03 -6.32
CA LYS B 182 -23.66 29.32 -5.30
C LYS B 182 -24.93 29.89 -5.92
N GLY B 183 -24.78 30.77 -6.90
CA GLY B 183 -25.94 31.31 -7.61
C GLY B 183 -26.54 30.35 -8.60
N HIS B 184 -25.92 29.18 -8.80
CA HIS B 184 -26.44 28.20 -9.75
C HIS B 184 -27.39 27.21 -9.05
N GLU B 185 -27.08 26.85 -7.81
CA GLU B 185 -27.81 25.86 -7.01
C GLU B 185 -28.25 24.65 -7.82
N ASN B 186 -27.41 24.22 -8.76
CA ASN B 186 -27.64 23.03 -9.58
C ASN B 186 -26.37 22.21 -9.66
N VAL B 187 -25.77 21.95 -8.50
CA VAL B 187 -24.45 21.34 -8.40
C VAL B 187 -24.49 19.87 -8.83
N GLU B 188 -25.67 19.37 -9.18
CA GLU B 188 -25.82 17.96 -9.56
C GLU B 188 -24.87 17.59 -10.69
N ALA B 189 -24.83 18.40 -11.74
CA ALA B 189 -23.86 18.21 -12.82
C ALA B 189 -22.65 19.11 -12.70
N ALA B 190 -22.78 20.23 -11.99
CA ALA B 190 -21.64 21.14 -11.81
C ALA B 190 -20.51 20.47 -11.04
N GLN B 191 -20.84 19.71 -9.99
CA GLN B 191 -19.82 19.01 -9.23
C GLN B 191 -19.11 17.97 -10.10
N ALA B 192 -19.86 17.23 -10.90
CA ALA B 192 -19.25 16.23 -11.77
C ALA B 192 -18.32 16.89 -12.78
N GLU B 193 -18.77 17.99 -13.40
CA GLU B 193 -17.92 18.69 -14.36
C GLU B 193 -16.67 19.22 -13.69
N TYR B 194 -16.81 19.81 -12.50
CA TYR B 194 -15.66 20.41 -11.84
C TYR B 194 -14.67 19.34 -11.40
N ILE B 195 -15.14 18.21 -10.89
CA ILE B 195 -14.20 17.16 -10.51
C ILE B 195 -13.55 16.55 -11.75
N GLU B 196 -14.28 16.48 -12.87
CA GLU B 196 -13.68 15.97 -14.09
C GLU B 196 -12.57 16.88 -14.58
N LYS B 197 -12.77 18.20 -14.47
CA LYS B 197 -11.83 19.15 -15.07
C LYS B 197 -10.76 19.65 -14.11
N PHE B 198 -10.92 19.43 -12.80
CA PHE B 198 -10.00 20.05 -11.84
C PHE B 198 -9.53 19.12 -10.72
N ALA B 199 -10.01 17.89 -10.63
CA ALA B 199 -9.50 16.94 -9.66
C ALA B 199 -8.37 16.10 -10.22
N ASN B 200 -7.67 16.59 -11.23
CA ASN B 200 -6.57 15.93 -11.90
C ASN B 200 -5.38 16.88 -11.92
N PRO B 201 -4.17 16.36 -12.09
CA PRO B 201 -3.02 17.26 -12.28
C PRO B 201 -3.04 18.01 -13.61
N PHE B 202 -4.05 17.77 -14.44
CA PHE B 202 -4.09 18.38 -15.76
C PHE B 202 -4.10 19.91 -15.74
N PRO B 203 -4.86 20.59 -14.88
CA PRO B 203 -4.68 22.05 -14.79
C PRO B 203 -3.25 22.47 -14.49
N ALA B 204 -2.64 21.88 -13.46
CA ALA B 204 -1.26 22.20 -13.15
C ALA B 204 -0.31 21.77 -14.26
N ALA B 205 -0.58 20.60 -14.86
CA ALA B 205 0.30 20.11 -15.93
C ALA B 205 0.29 21.05 -17.14
N VAL B 206 -0.91 21.39 -17.63
CA VAL B 206 -0.99 22.29 -18.77
C VAL B 206 -0.47 23.67 -18.39
N ARG B 207 -0.55 24.03 -17.12
CA ARG B 207 0.08 25.27 -16.68
C ARG B 207 1.58 25.11 -16.49
N GLY B 208 2.10 23.88 -16.57
CA GLY B 208 3.52 23.64 -16.45
C GLY B 208 4.04 23.60 -15.03
N PHE B 209 3.15 23.52 -14.03
CA PHE B 209 3.61 23.56 -12.65
C PHE B 209 4.26 22.25 -12.24
N VAL B 210 3.93 21.16 -12.92
CA VAL B 210 4.59 19.87 -12.72
C VAL B 210 5.30 19.51 -14.01
N ASP B 211 6.49 18.91 -13.88
CA ASP B 211 7.30 18.62 -15.07
C ASP B 211 6.74 17.44 -15.85
N ASP B 212 6.21 16.44 -15.17
CA ASP B 212 5.65 15.29 -15.86
C ASP B 212 4.72 14.54 -14.92
N ILE B 213 3.92 13.65 -15.50
CA ILE B 213 3.10 12.72 -14.74
C ILE B 213 3.79 11.37 -14.84
N ILE B 214 4.66 11.08 -13.89
CA ILE B 214 5.47 9.88 -13.96
C ILE B 214 4.65 8.68 -13.49
N GLN B 215 4.93 7.52 -14.08
CA GLN B 215 4.40 6.29 -13.54
C GLN B 215 5.00 6.03 -12.17
N PRO B 216 4.23 5.46 -11.24
CA PRO B 216 4.76 5.23 -9.89
C PRO B 216 5.97 4.31 -9.87
N SER B 217 6.11 3.42 -10.84
CA SER B 217 7.19 2.43 -10.83
C SER B 217 8.51 2.96 -11.34
N SER B 218 8.55 4.18 -11.89
CA SER B 218 9.80 4.76 -12.34
C SER B 218 10.42 5.69 -11.33
N THR B 219 9.71 5.99 -10.23
CA THR B 219 10.09 7.04 -9.30
C THR B 219 11.59 7.03 -8.99
N ARG B 220 12.07 5.95 -8.38
CA ARG B 220 13.46 5.89 -7.96
C ARG B 220 14.37 6.26 -9.11
N ALA B 221 14.21 5.58 -10.25
CA ALA B 221 15.07 5.83 -11.39
C ALA B 221 15.07 7.31 -11.74
N ARG B 222 13.87 7.88 -11.91
CA ARG B 222 13.79 9.29 -12.27
C ARG B 222 14.57 10.14 -11.29
N ILE B 223 14.29 9.94 -10.00
CA ILE B 223 14.92 10.78 -8.99
C ILE B 223 16.43 10.67 -9.09
N CYS B 224 16.94 9.44 -9.24
CA CYS B 224 18.38 9.28 -9.30
C CYS B 224 18.96 10.12 -10.43
N CYS B 225 18.36 10.04 -11.61
CA CYS B 225 18.86 10.81 -12.74
C CYS B 225 18.89 12.28 -12.39
N ASP B 226 17.80 12.79 -11.81
CA ASP B 226 17.75 14.19 -11.46
C ASP B 226 18.86 14.55 -10.48
N LEU B 227 19.06 13.71 -9.47
CA LEU B 227 20.05 14.03 -8.46
C LEU B 227 21.44 14.14 -9.05
N ASP B 228 21.67 13.57 -10.24
CA ASP B 228 22.95 13.79 -10.89
C ASP B 228 23.00 15.19 -11.49
N VAL B 229 22.03 15.53 -12.35
CA VAL B 229 22.14 16.75 -13.13
C VAL B 229 22.10 17.97 -12.23
N LEU B 230 21.36 17.90 -11.13
CA LEU B 230 21.24 19.01 -10.22
C LEU B 230 22.36 19.05 -9.18
N ALA B 231 23.27 18.07 -9.20
CA ALA B 231 24.37 18.09 -8.24
C ALA B 231 25.27 19.30 -8.42
N SER B 232 25.22 19.94 -9.58
CA SER B 232 26.04 21.10 -9.88
C SER B 232 25.28 22.41 -9.75
N LYS B 233 24.07 22.38 -9.20
CA LYS B 233 23.24 23.57 -9.14
C LYS B 233 23.87 24.65 -8.27
N LYS B 234 23.87 25.89 -8.77
CA LYS B 234 24.32 27.04 -8.01
C LYS B 234 23.38 28.20 -8.27
N VAL B 235 22.95 28.88 -7.20
CA VAL B 235 22.02 29.99 -7.29
C VAL B 235 22.53 31.13 -6.42
N GLN B 236 22.31 32.36 -6.88
CA GLN B 236 22.79 33.55 -6.21
C GLN B 236 21.61 34.34 -5.66
N ARG B 237 21.76 34.84 -4.44
CA ARG B 237 20.73 35.54 -3.69
C ARG B 237 21.28 36.87 -3.21
N PRO B 238 20.43 37.83 -2.91
CA PRO B 238 20.93 39.13 -2.44
C PRO B 238 21.68 39.01 -1.13
N TRP B 239 22.65 39.89 -0.93
CA TRP B 239 23.45 39.87 0.27
C TRP B 239 22.62 40.30 1.48
N ARG B 240 22.93 39.69 2.62
CA ARG B 240 22.34 40.07 3.90
C ARG B 240 23.17 39.44 5.00
N LYS B 241 23.07 40.02 6.20
CA LYS B 241 23.70 39.38 7.35
C LYS B 241 23.03 38.06 7.68
N HIS B 242 21.71 38.09 7.80
CA HIS B 242 20.90 36.89 7.98
C HIS B 242 19.45 37.32 7.77
N ALA B 243 18.57 36.34 7.62
CA ALA B 243 17.17 36.61 7.43
C ALA B 243 16.42 36.50 8.74
N ASN B 244 15.18 36.97 8.74
CA ASN B 244 14.32 36.92 9.92
C ASN B 244 13.26 35.84 9.69
N ILE B 245 13.61 34.62 10.10
CA ILE B 245 12.67 33.51 10.09
C ILE B 245 11.61 33.80 11.15
N PRO B 246 10.36 33.40 10.97
CA PRO B 246 9.36 33.63 12.01
C PRO B 246 9.58 32.78 13.25
N LEU B 247 10.74 32.90 13.88
CA LEU B 247 11.06 32.06 15.04
C LEU B 247 10.28 32.50 16.26
N ALA C 32 -11.38 61.34 -35.57
CA ALA C 32 -11.70 61.17 -34.16
C ALA C 32 -11.39 59.76 -33.68
N THR C 33 -10.44 59.66 -32.74
CA THR C 33 -10.03 58.38 -32.19
C THR C 33 -10.67 58.18 -30.82
N SER C 34 -11.22 56.99 -30.59
CA SER C 34 -11.86 56.69 -29.31
C SER C 34 -10.87 56.39 -28.20
N VAL C 35 -9.57 56.42 -28.48
CA VAL C 35 -8.58 56.08 -27.47
C VAL C 35 -8.63 57.05 -26.31
N ASN C 36 -8.83 58.34 -26.58
CA ASN C 36 -8.78 59.35 -25.54
C ASN C 36 -9.88 59.14 -24.50
N GLU C 37 -11.14 59.14 -24.94
CA GLU C 37 -12.22 58.98 -23.98
C GLU C 37 -12.25 57.58 -23.41
N ARG C 38 -11.75 56.58 -24.13
CA ARG C 38 -11.61 55.25 -23.55
C ARG C 38 -10.66 55.29 -22.35
N ILE C 39 -9.50 55.94 -22.52
CA ILE C 39 -8.54 56.04 -21.42
C ILE C 39 -9.13 56.83 -20.27
N GLU C 40 -9.84 57.92 -20.56
CA GLU C 40 -10.40 58.72 -19.48
C GLU C 40 -11.50 57.95 -18.72
N ASN C 41 -12.35 57.23 -19.45
CA ASN C 41 -13.37 56.42 -18.79
C ASN C 41 -12.75 55.32 -17.94
N LYS C 42 -11.71 54.66 -18.46
CA LYS C 42 -11.03 53.63 -17.67
C LYS C 42 -10.40 54.23 -16.43
N ARG C 43 -9.80 55.43 -16.56
CA ARG C 43 -9.22 56.10 -15.40
C ARG C 43 -10.28 56.40 -14.35
N ARG C 44 -11.41 56.97 -14.77
CA ARG C 44 -12.44 57.35 -13.81
C ARG C 44 -13.09 56.12 -13.19
N THR C 45 -13.14 55.00 -13.91
CA THR C 45 -13.68 53.78 -13.31
C THR C 45 -12.67 53.16 -12.35
N ALA C 46 -11.38 53.28 -12.65
CA ALA C 46 -10.35 52.74 -11.76
C ALA C 46 -10.29 53.51 -10.45
N LEU C 47 -10.32 54.84 -10.51
CA LEU C 47 -10.20 55.63 -9.29
C LEU C 47 -11.41 55.48 -8.38
N LEU C 48 -12.53 54.96 -8.89
CA LEU C 48 -13.71 54.72 -8.08
C LEU C 48 -13.84 53.28 -7.62
N GLY C 49 -12.79 52.47 -7.79
CA GLY C 49 -12.87 51.07 -7.39
C GLY C 49 -13.85 50.32 -8.25
N GLY C 50 -14.79 49.63 -7.61
CA GLY C 50 -15.78 48.85 -8.31
C GLY C 50 -17.20 49.32 -8.06
N GLY C 51 -17.40 50.64 -8.01
CA GLY C 51 -18.73 51.18 -7.81
C GLY C 51 -18.86 52.05 -6.58
N GLN C 52 -19.62 53.15 -6.70
CA GLN C 52 -19.74 54.07 -5.57
C GLN C 52 -20.54 53.48 -4.43
N ARG C 53 -21.55 52.65 -4.74
CA ARG C 53 -22.39 52.08 -3.69
C ARG C 53 -21.58 51.14 -2.80
N ARG C 54 -20.66 50.37 -3.39
CA ARG C 54 -19.80 49.52 -2.58
C ARG C 54 -18.86 50.34 -1.72
N ILE C 55 -18.39 51.49 -2.22
CA ILE C 55 -17.56 52.36 -1.38
C ILE C 55 -18.37 52.91 -0.23
N ASP C 56 -19.63 53.26 -0.48
CA ASP C 56 -20.51 53.70 0.60
C ASP C 56 -20.69 52.59 1.64
N ALA C 57 -20.87 51.35 1.19
CA ALA C 57 -20.97 50.24 2.11
C ALA C 57 -19.69 50.05 2.90
N GLN C 58 -18.54 50.25 2.25
CA GLN C 58 -17.25 50.14 2.94
C GLN C 58 -17.12 51.19 4.03
N HIS C 59 -17.53 52.43 3.74
CA HIS C 59 -17.56 53.45 4.78
C HIS C 59 -18.58 53.11 5.86
N LYS C 60 -19.62 52.35 5.51
CA LYS C 60 -20.65 52.02 6.49
C LYS C 60 -20.10 51.17 7.62
N ARG C 61 -19.23 50.20 7.30
CA ARG C 61 -18.63 49.38 8.34
C ARG C 61 -17.43 50.04 8.99
N GLY C 62 -17.30 51.36 8.87
CA GLY C 62 -16.20 52.07 9.49
C GLY C 62 -14.85 51.74 8.91
N LYS C 63 -14.75 51.63 7.59
CA LYS C 63 -13.50 51.31 6.92
C LYS C 63 -13.29 52.26 5.75
N LEU C 64 -12.03 52.50 5.43
CA LEU C 64 -11.67 53.34 4.30
C LEU C 64 -11.46 52.49 3.05
N THR C 65 -11.41 53.15 1.91
CA THR C 65 -11.02 52.46 0.69
C THR C 65 -9.50 52.43 0.58
N ALA C 66 -8.99 51.64 -0.36
CA ALA C 66 -7.56 51.47 -0.48
C ALA C 66 -6.87 52.77 -0.85
N ARG C 67 -7.47 53.54 -1.75
CA ARG C 67 -6.81 54.75 -2.24
C ARG C 67 -6.71 55.81 -1.16
N GLU C 68 -7.74 55.95 -0.32
CA GLU C 68 -7.65 56.94 0.75
C GLU C 68 -6.73 56.46 1.86
N ARG C 69 -6.60 55.15 2.06
CA ARG C 69 -5.59 54.64 2.97
C ARG C 69 -4.20 55.03 2.49
N ILE C 70 -3.94 54.84 1.20
CA ILE C 70 -2.64 55.22 0.63
C ILE C 70 -2.43 56.72 0.75
N SER C 71 -3.49 57.50 0.54
CA SER C 71 -3.38 58.95 0.66
C SER C 71 -3.00 59.36 2.08
N LEU C 72 -3.60 58.71 3.09
CA LEU C 72 -3.27 59.02 4.47
C LEU C 72 -1.87 58.55 4.85
N LEU C 73 -1.42 57.43 4.28
CA LEU C 73 -0.12 56.90 4.66
C LEU C 73 1.03 57.71 4.09
N LEU C 74 0.93 58.12 2.83
CA LEU C 74 2.04 58.76 2.13
C LEU C 74 1.96 60.28 2.24
N ASP C 75 3.09 60.92 1.98
CA ASP C 75 3.12 62.37 1.96
C ASP C 75 2.22 62.89 0.84
N PRO C 76 1.53 64.01 1.05
CA PRO C 76 0.60 64.49 0.01
C PRO C 76 1.32 64.80 -1.29
N GLY C 77 0.68 64.43 -2.40
CA GLY C 77 1.24 64.65 -3.71
C GLY C 77 2.55 63.91 -3.96
N SER C 78 2.68 62.71 -3.40
CA SER C 78 3.88 61.92 -3.59
C SER C 78 3.62 60.50 -4.04
N PHE C 79 2.37 60.02 -4.01
CA PHE C 79 2.07 58.68 -4.48
C PHE C 79 2.20 58.61 -5.99
N VAL C 80 2.98 57.65 -6.46
CA VAL C 80 3.09 57.36 -7.88
C VAL C 80 2.59 55.93 -8.07
N GLU C 81 1.48 55.79 -8.80
CA GLU C 81 0.80 54.52 -8.95
C GLU C 81 1.30 53.80 -10.20
N SER C 82 1.31 52.48 -10.14
CA SER C 82 1.71 51.67 -11.28
C SER C 82 0.63 50.66 -11.62
N ASP C 83 0.48 50.39 -12.92
CA ASP C 83 -0.37 49.31 -13.43
C ASP C 83 -1.84 49.55 -13.12
N MET C 84 -2.31 50.78 -13.38
CA MET C 84 -3.70 51.08 -13.09
C MET C 84 -4.66 50.27 -13.96
N PHE C 85 -4.27 50.00 -15.20
CA PHE C 85 -5.15 49.37 -16.17
C PHE C 85 -4.98 47.86 -16.26
N VAL C 86 -4.08 47.27 -15.47
CA VAL C 86 -3.85 45.83 -15.55
C VAL C 86 -5.11 45.08 -15.12
N GLU C 87 -5.57 44.17 -15.97
CA GLU C 87 -6.81 43.47 -15.79
C GLU C 87 -6.55 41.97 -15.65
N HIS C 88 -7.44 41.29 -14.95
CA HIS C 88 -7.34 39.84 -14.82
C HIS C 88 -7.54 39.17 -16.17
N ARG C 89 -6.72 38.16 -16.45
CA ARG C 89 -6.78 37.42 -17.70
C ARG C 89 -7.62 36.16 -17.59
N CYS C 90 -8.26 35.92 -16.44
CA CYS C 90 -9.09 34.74 -16.28
C CYS C 90 -10.28 34.79 -17.22
N ALA C 91 -10.63 33.64 -17.80
CA ALA C 91 -11.74 33.55 -18.74
C ALA C 91 -12.65 32.37 -18.41
N ASP C 92 -12.62 31.87 -17.19
CA ASP C 92 -13.43 30.74 -16.79
C ASP C 92 -14.61 31.20 -15.94
N PHE C 93 -15.69 30.42 -15.98
CA PHE C 93 -16.91 30.70 -15.24
C PHE C 93 -17.48 32.07 -15.61
N GLY C 94 -17.39 32.43 -16.89
CA GLY C 94 -17.96 33.66 -17.37
C GLY C 94 -17.27 34.91 -16.88
N MET C 95 -16.03 34.80 -16.39
CA MET C 95 -15.31 35.95 -15.87
C MET C 95 -14.84 36.90 -16.96
N ALA C 96 -14.95 36.51 -18.24
CA ALA C 96 -14.53 37.37 -19.33
C ALA C 96 -15.56 38.44 -19.67
N ALA C 97 -16.76 38.37 -19.11
CA ALA C 97 -17.78 39.37 -19.40
C ALA C 97 -17.35 40.74 -18.85
N ASP C 98 -17.84 41.79 -19.52
CA ASP C 98 -17.43 43.15 -19.16
C ASP C 98 -17.85 43.52 -17.74
N LYS C 99 -18.96 42.97 -17.25
CA LYS C 99 -19.40 43.28 -15.90
C LYS C 99 -18.43 42.78 -14.85
N ASN C 100 -17.58 41.81 -15.18
CA ASN C 100 -16.60 41.28 -14.26
C ASN C 100 -15.19 41.76 -14.56
N LYS C 101 -15.05 42.84 -15.33
CA LYS C 101 -13.75 43.44 -15.61
C LYS C 101 -13.64 44.75 -14.84
N PHE C 102 -12.61 44.88 -14.01
CA PHE C 102 -12.37 46.08 -13.22
C PHE C 102 -10.90 46.44 -13.34
N PRO C 103 -10.56 47.58 -13.95
CA PRO C 103 -9.15 47.98 -14.03
C PRO C 103 -8.56 48.15 -12.64
N GLY C 104 -7.29 47.80 -12.51
CA GLY C 104 -6.62 47.71 -11.23
C GLY C 104 -6.75 46.34 -10.63
N ASP C 105 -7.96 45.78 -10.66
CA ASP C 105 -8.24 44.41 -10.23
C ASP C 105 -7.89 44.21 -8.76
N SER C 106 -8.59 44.96 -7.90
CA SER C 106 -8.61 44.71 -6.46
C SER C 106 -7.23 44.87 -5.82
N VAL C 107 -6.41 45.79 -6.32
CA VAL C 107 -5.17 46.16 -5.65
C VAL C 107 -4.71 47.49 -6.21
N VAL C 108 -4.19 48.34 -5.33
CA VAL C 108 -3.60 49.61 -5.70
C VAL C 108 -2.14 49.55 -5.28
N THR C 109 -1.24 49.74 -6.24
CA THR C 109 0.18 49.51 -6.02
C THR C 109 0.98 50.70 -6.50
N GLY C 110 2.03 51.05 -5.76
CA GLY C 110 2.89 52.12 -6.22
C GLY C 110 3.98 52.44 -5.21
N ARG C 111 4.54 53.63 -5.35
CA ARG C 111 5.58 54.11 -4.46
C ARG C 111 5.19 55.46 -3.89
N GLY C 112 5.94 55.90 -2.90
CA GLY C 112 5.68 57.18 -2.28
C GLY C 112 6.79 57.53 -1.32
N ARG C 113 6.57 58.59 -0.56
CA ARG C 113 7.55 59.05 0.40
C ARG C 113 6.89 59.29 1.75
N ILE C 114 7.51 58.78 2.81
CA ILE C 114 7.12 59.09 4.18
C ILE C 114 8.23 59.93 4.79
N ASN C 115 7.91 61.17 5.14
CA ASN C 115 8.87 62.12 5.70
C ASN C 115 10.08 62.27 4.78
N GLY C 116 9.87 62.14 3.49
CA GLY C 116 10.92 62.30 2.52
C GLY C 116 11.66 61.03 2.16
N ARG C 117 11.41 59.93 2.86
CA ARG C 117 12.11 58.69 2.58
C ARG C 117 11.23 57.77 1.73
N LEU C 118 11.85 57.14 0.74
CA LEU C 118 11.14 56.35 -0.25
C LEU C 118 10.53 55.10 0.37
N VAL C 119 9.40 54.66 -0.19
CA VAL C 119 8.75 53.45 0.24
C VAL C 119 7.89 52.93 -0.90
N TYR C 120 7.71 51.62 -0.96
CA TYR C 120 6.81 50.98 -1.91
C TYR C 120 5.64 50.39 -1.15
N VAL C 121 4.43 50.66 -1.62
CA VAL C 121 3.22 50.35 -0.88
C VAL C 121 2.21 49.66 -1.78
N PHE C 122 1.58 48.61 -1.26
CA PHE C 122 0.44 48.00 -1.92
C PHE C 122 -0.74 47.92 -0.96
N SER C 123 -1.94 48.12 -1.49
CA SER C 123 -3.16 48.08 -0.69
C SER C 123 -4.20 47.25 -1.42
N GLN C 124 -4.95 46.45 -0.69
CA GLN C 124 -5.93 45.55 -1.29
C GLN C 124 -7.32 46.14 -1.14
N ASP C 125 -8.08 46.15 -2.24
CA ASP C 125 -9.40 46.75 -2.27
C ASP C 125 -10.47 45.67 -2.17
N PHE C 126 -11.29 45.76 -1.12
CA PHE C 126 -12.34 44.79 -0.88
C PHE C 126 -13.54 44.97 -1.80
N THR C 127 -13.62 46.08 -2.53
CA THR C 127 -14.77 46.30 -3.40
C THR C 127 -14.76 45.37 -4.61
N VAL C 128 -13.58 45.16 -5.19
CA VAL C 128 -13.45 44.37 -6.41
C VAL C 128 -13.29 42.91 -6.03
N PHE C 129 -14.35 42.12 -6.21
CA PHE C 129 -14.33 40.68 -5.96
C PHE C 129 -13.90 40.36 -4.53
N GLY C 130 -14.26 41.23 -3.59
CA GLY C 130 -13.88 41.01 -2.21
C GLY C 130 -12.39 41.05 -1.95
N GLY C 131 -11.62 41.68 -2.83
CA GLY C 131 -10.19 41.72 -2.68
C GLY C 131 -9.48 40.41 -2.89
N SER C 132 -10.19 39.38 -3.35
CA SER C 132 -9.60 38.07 -3.52
C SER C 132 -8.45 38.12 -4.52
N LEU C 133 -7.42 37.32 -4.26
CA LEU C 133 -6.19 37.40 -5.02
C LEU C 133 -6.26 36.50 -6.25
N SER C 134 -5.97 37.09 -7.40
CA SER C 134 -5.97 36.43 -8.70
C SER C 134 -4.59 36.60 -9.33
N GLY C 135 -4.48 36.22 -10.60
CA GLY C 135 -3.20 36.31 -11.28
C GLY C 135 -2.68 37.73 -11.37
N ALA C 136 -3.53 38.67 -11.79
CA ALA C 136 -3.09 40.04 -11.98
C ALA C 136 -2.76 40.71 -10.65
N HIS C 137 -3.59 40.46 -9.63
CA HIS C 137 -3.32 40.96 -8.29
C HIS C 137 -1.93 40.57 -7.82
N ALA C 138 -1.62 39.28 -7.90
CA ALA C 138 -0.33 38.80 -7.44
C ALA C 138 0.80 39.29 -8.33
N GLN C 139 0.56 39.42 -9.64
CA GLN C 139 1.61 39.91 -10.52
C GLN C 139 1.96 41.35 -10.19
N LYS C 140 0.97 42.18 -9.91
CA LYS C 140 1.24 43.57 -9.53
C LYS C 140 2.00 43.63 -8.21
N ILE C 141 1.59 42.83 -7.22
CA ILE C 141 2.30 42.84 -5.95
C ILE C 141 3.74 42.38 -6.14
N CYS C 142 3.94 41.35 -6.96
CA CYS C 142 5.28 40.84 -7.21
C CYS C 142 6.15 41.88 -7.90
N LYS C 143 5.59 42.60 -8.86
CA LYS C 143 6.37 43.62 -9.55
C LYS C 143 6.77 44.74 -8.59
N ILE C 144 5.87 45.16 -7.71
CA ILE C 144 6.24 46.15 -6.71
C ILE C 144 7.36 45.64 -5.82
N MET C 145 7.24 44.40 -5.36
CA MET C 145 8.26 43.84 -4.47
C MET C 145 9.62 43.74 -5.17
N ASP C 146 9.61 43.33 -6.43
CA ASP C 146 10.85 43.20 -7.19
C ASP C 146 11.51 44.57 -7.39
N GLN C 147 10.71 45.58 -7.74
CA GLN C 147 11.29 46.90 -7.91
C GLN C 147 11.85 47.43 -6.60
N ALA C 148 11.14 47.19 -5.49
CA ALA C 148 11.64 47.66 -4.19
C ALA C 148 12.95 46.97 -3.83
N ILE C 149 13.04 45.66 -4.03
CA ILE C 149 14.28 44.97 -3.70
C ILE C 149 15.41 45.40 -4.64
N THR C 150 15.07 45.80 -5.87
CA THR C 150 16.09 46.35 -6.76
C THR C 150 16.63 47.66 -6.23
N VAL C 151 15.75 48.59 -5.86
CA VAL C 151 16.21 49.90 -5.43
C VAL C 151 16.69 49.87 -3.97
N GLY C 152 16.07 49.06 -3.13
CA GLY C 152 16.46 49.00 -1.74
C GLY C 152 15.62 49.87 -0.82
N ALA C 153 14.31 49.72 -0.88
CA ALA C 153 13.38 50.46 -0.07
C ALA C 153 12.36 49.52 0.56
N PRO C 154 11.80 49.88 1.70
CA PRO C 154 10.88 48.96 2.39
C PRO C 154 9.56 48.83 1.66
N VAL C 155 8.85 47.75 1.97
CA VAL C 155 7.54 47.45 1.40
C VAL C 155 6.51 47.45 2.52
N ILE C 156 5.43 48.17 2.31
CA ILE C 156 4.31 48.21 3.25
C ILE C 156 3.07 47.66 2.55
N GLY C 157 2.43 46.71 3.20
CA GLY C 157 1.24 46.10 2.63
C GLY C 157 0.03 46.21 3.51
N LEU C 158 -1.03 46.80 2.99
CA LEU C 158 -2.30 46.89 3.69
C LEU C 158 -3.19 45.75 3.22
N ASN C 159 -3.34 44.73 4.06
CA ASN C 159 -4.03 43.50 3.68
C ASN C 159 -5.49 43.60 4.07
N ASP C 160 -6.38 43.52 3.07
CA ASP C 160 -7.83 43.50 3.30
C ASP C 160 -8.44 42.71 2.14
N SER C 161 -8.66 41.41 2.38
CA SER C 161 -9.05 40.53 1.29
C SER C 161 -9.76 39.32 1.84
N GLY C 162 -10.84 38.92 1.16
CA GLY C 162 -11.64 37.78 1.63
C GLY C 162 -10.87 36.47 1.62
N GLY C 163 -10.07 36.24 0.58
CA GLY C 163 -9.32 35.01 0.47
C GLY C 163 -8.63 34.82 -0.86
N ALA C 164 -8.78 33.65 -1.46
CA ALA C 164 -8.20 33.33 -2.75
C ALA C 164 -9.30 33.18 -3.78
N ARG C 165 -9.14 33.83 -4.93
CA ARG C 165 -10.15 33.80 -5.98
C ARG C 165 -10.23 32.39 -6.55
N ILE C 166 -11.36 31.72 -6.30
CA ILE C 166 -11.54 30.36 -6.80
C ILE C 166 -11.86 30.37 -8.30
N GLN C 167 -12.49 31.43 -8.80
CA GLN C 167 -12.72 31.53 -10.24
C GLN C 167 -11.40 31.56 -10.99
N GLU C 168 -10.38 32.22 -10.44
CA GLU C 168 -9.10 32.31 -11.10
C GLU C 168 -8.47 30.93 -11.27
N GLY C 169 -8.62 30.07 -10.27
CA GLY C 169 -8.08 28.73 -10.35
C GLY C 169 -6.69 28.63 -9.75
N VAL C 170 -5.89 27.71 -10.27
CA VAL C 170 -4.55 27.47 -9.72
C VAL C 170 -3.65 28.69 -9.84
N GLU C 171 -3.99 29.63 -10.71
CA GLU C 171 -3.22 30.85 -10.83
C GLU C 171 -3.16 31.62 -9.52
N SER C 172 -4.23 31.57 -8.73
CA SER C 172 -4.21 32.21 -7.41
C SER C 172 -3.17 31.57 -6.49
N LEU C 173 -3.10 30.23 -6.49
CA LEU C 173 -2.09 29.55 -5.70
C LEU C 173 -0.69 29.90 -6.19
N ALA C 174 -0.52 29.98 -7.51
CA ALA C 174 0.77 30.38 -8.06
C ALA C 174 1.15 31.77 -7.61
N GLY C 175 0.19 32.69 -7.59
CA GLY C 175 0.48 34.04 -7.14
C GLY C 175 0.84 34.10 -5.67
N TYR C 176 0.08 33.39 -4.82
CA TYR C 176 0.44 33.28 -3.41
C TYR C 176 1.86 32.80 -3.25
N ALA C 177 2.23 31.73 -3.95
CA ALA C 177 3.56 31.16 -3.78
C ALA C 177 4.64 32.10 -4.30
N ASP C 178 4.36 32.83 -5.39
CA ASP C 178 5.33 33.80 -5.88
C ASP C 178 5.55 34.92 -4.87
N ILE C 179 4.47 35.42 -4.27
CA ILE C 179 4.58 36.47 -3.26
C ILE C 179 5.36 35.97 -2.07
N PHE C 180 5.08 34.75 -1.62
CA PHE C 180 5.81 34.20 -0.49
C PHE C 180 7.29 34.01 -0.79
N LEU C 181 7.60 33.56 -2.01
CA LEU C 181 9.00 33.42 -2.39
C LEU C 181 9.72 34.75 -2.34
N ARG C 182 9.10 35.81 -2.86
CA ARG C 182 9.74 37.10 -2.83
C ARG C 182 9.83 37.65 -1.41
N ASN C 183 8.86 37.31 -0.55
CA ASN C 183 8.96 37.67 0.86
C ASN C 183 10.17 37.02 1.51
N VAL C 184 10.36 35.73 1.27
CA VAL C 184 11.48 35.02 1.89
C VAL C 184 12.80 35.52 1.33
N THR C 185 12.84 35.82 0.04
CA THR C 185 14.07 36.31 -0.57
C THR C 185 14.47 37.67 -0.01
N ALA C 186 13.49 38.53 0.27
CA ALA C 186 13.74 39.88 0.72
C ALA C 186 13.83 40.00 2.23
N SER C 187 13.75 38.90 2.97
CA SER C 187 13.82 38.95 4.42
C SER C 187 15.26 39.14 4.84
N GLY C 188 15.52 40.20 5.60
CA GLY C 188 16.86 40.59 5.96
C GLY C 188 17.53 41.52 4.99
N VAL C 189 16.92 41.76 3.82
CA VAL C 189 17.46 42.69 2.84
C VAL C 189 16.77 44.04 3.00
N ILE C 190 15.44 44.04 2.91
CA ILE C 190 14.67 45.27 3.08
C ILE C 190 13.63 45.05 4.16
N PRO C 191 13.28 46.06 4.93
CA PRO C 191 12.21 45.90 5.92
C PRO C 191 10.87 45.67 5.23
N GLN C 192 10.02 44.88 5.89
CA GLN C 192 8.70 44.57 5.38
C GLN C 192 7.70 44.78 6.50
N ILE C 193 6.66 45.55 6.24
CA ILE C 193 5.65 45.84 7.24
C ILE C 193 4.28 45.49 6.67
N SER C 194 3.48 44.79 7.46
CA SER C 194 2.14 44.39 7.06
C SER C 194 1.14 44.94 8.06
N LEU C 195 0.13 45.62 7.57
CA LEU C 195 -0.97 46.10 8.39
C LEU C 195 -2.25 45.43 7.90
N ILE C 196 -2.87 44.64 8.75
CA ILE C 196 -4.12 43.96 8.41
C ILE C 196 -5.27 44.91 8.71
N MET C 197 -5.94 45.37 7.66
CA MET C 197 -6.95 46.40 7.76
C MET C 197 -8.34 45.85 7.47
N GLY C 198 -8.50 44.54 7.58
CA GLY C 198 -9.75 43.90 7.29
C GLY C 198 -9.62 42.38 7.37
N PRO C 199 -10.67 41.66 6.99
CA PRO C 199 -10.61 40.19 7.07
C PRO C 199 -9.53 39.64 6.16
N CYS C 200 -8.87 38.58 6.63
CA CYS C 200 -7.86 37.86 5.86
C CYS C 200 -7.94 36.39 6.24
N ALA C 201 -8.08 35.52 5.25
CA ALA C 201 -8.24 34.10 5.52
C ALA C 201 -7.57 33.29 4.42
N GLY C 202 -7.38 32.01 4.70
CA GLY C 202 -6.75 31.12 3.75
C GLY C 202 -5.24 31.24 3.78
N GLY C 203 -4.59 31.08 2.62
CA GLY C 203 -3.15 31.23 2.57
C GLY C 203 -2.67 32.66 2.66
N ALA C 204 -3.58 33.62 2.50
CA ALA C 204 -3.20 35.03 2.52
C ALA C 204 -2.69 35.44 3.90
N VAL C 205 -2.91 34.59 4.90
CA VAL C 205 -2.39 34.87 6.24
C VAL C 205 -0.90 34.64 6.35
N TYR C 206 -0.27 34.06 5.33
CA TYR C 206 1.15 33.73 5.43
C TYR C 206 2.06 34.86 4.99
N SER C 207 1.58 35.79 4.16
CA SER C 207 2.37 37.00 3.87
C SER C 207 2.62 37.82 5.12
N PRO C 208 1.63 38.15 5.95
CA PRO C 208 1.95 38.86 7.20
C PRO C 208 2.87 38.10 8.11
N ALA C 209 2.78 36.77 8.13
CA ALA C 209 3.63 35.99 9.01
C ALA C 209 5.08 35.92 8.54
N LEU C 210 5.33 36.12 7.26
CA LEU C 210 6.69 36.12 6.72
C LEU C 210 7.30 37.50 6.65
N THR C 211 6.59 38.54 7.08
CA THR C 211 7.12 39.88 7.12
C THR C 211 7.70 40.17 8.50
N ASP C 212 8.38 41.30 8.61
CA ASP C 212 9.09 41.63 9.84
C ASP C 212 8.13 42.00 10.96
N PHE C 213 7.13 42.84 10.66
CA PHE C 213 6.17 43.29 11.66
C PHE C 213 4.76 43.16 11.11
N THR C 214 3.80 43.07 12.02
CA THR C 214 2.42 42.74 11.64
C THR C 214 1.49 43.44 12.64
N PHE C 215 0.94 44.57 12.24
CA PHE C 215 -0.02 45.27 13.07
C PHE C 215 -1.44 44.97 12.59
N MET C 216 -2.41 45.26 13.45
CA MET C 216 -3.81 45.00 13.15
C MET C 216 -4.65 46.16 13.64
N VAL C 217 -5.90 46.21 13.15
CA VAL C 217 -6.87 47.21 13.55
C VAL C 217 -7.96 46.49 14.35
N LYS C 218 -8.32 47.06 15.49
CA LYS C 218 -9.28 46.39 16.37
C LYS C 218 -10.66 46.31 15.74
N ASP C 219 -11.35 45.21 16.00
CA ASP C 219 -12.77 45.06 15.74
C ASP C 219 -13.11 44.98 14.26
N THR C 220 -12.13 45.12 13.38
CA THR C 220 -12.37 44.99 11.95
C THR C 220 -11.43 44.03 11.24
N SER C 221 -10.26 43.74 11.80
CA SER C 221 -9.27 42.90 11.16
C SER C 221 -9.38 41.47 11.69
N TYR C 222 -9.10 40.52 10.81
CA TYR C 222 -9.19 39.11 11.17
C TYR C 222 -8.09 38.33 10.47
N LEU C 223 -7.45 37.43 11.21
CA LEU C 223 -6.43 36.54 10.66
C LEU C 223 -6.75 35.13 11.13
N PHE C 224 -7.17 34.26 10.21
CA PHE C 224 -7.35 32.86 10.53
C PHE C 224 -7.22 32.04 9.25
N ILE C 225 -6.73 30.81 9.39
CA ILE C 225 -6.60 29.94 8.23
C ILE C 225 -7.96 29.52 7.72
N THR C 226 -8.85 29.11 8.61
CA THR C 226 -10.16 28.61 8.24
C THR C 226 -11.24 29.32 9.05
N GLY C 227 -12.37 29.59 8.41
CA GLY C 227 -13.47 30.28 9.05
C GLY C 227 -14.14 29.43 10.11
N PRO C 228 -15.02 30.05 10.91
CA PRO C 228 -15.70 29.29 11.96
C PRO C 228 -16.58 28.16 11.45
N ASP C 229 -17.11 28.27 10.24
CA ASP C 229 -17.97 27.20 9.70
C ASP C 229 -17.18 25.91 9.52
N VAL C 230 -15.93 26.00 9.09
CA VAL C 230 -15.09 24.82 8.97
C VAL C 230 -14.82 24.23 10.35
N VAL C 231 -14.64 25.09 11.36
CA VAL C 231 -14.46 24.60 12.72
C VAL C 231 -15.70 23.85 13.17
N LYS C 232 -16.89 24.35 12.82
CA LYS C 232 -18.12 23.61 13.07
C LYS C 232 -18.09 22.26 12.36
N SER C 233 -17.68 22.24 11.09
CA SER C 233 -17.73 21.02 10.30
C SER C 233 -16.74 19.98 10.78
N VAL C 234 -15.67 20.39 11.47
CA VAL C 234 -14.60 19.50 11.86
C VAL C 234 -14.69 19.10 13.34
N THR C 235 -14.61 20.08 14.23
CA THR C 235 -14.59 19.79 15.67
C THR C 235 -15.85 20.24 16.39
N ASN C 236 -16.71 21.01 15.74
CA ASN C 236 -17.99 21.43 16.32
C ASN C 236 -17.78 22.23 17.61
N GLU C 237 -17.10 23.36 17.49
CA GLU C 237 -16.88 24.28 18.60
C GLU C 237 -17.39 25.66 18.21
N ASP C 238 -18.21 26.25 19.08
CA ASP C 238 -18.86 27.53 18.81
C ASP C 238 -17.86 28.66 19.03
N VAL C 239 -17.33 29.19 17.94
CA VAL C 239 -16.45 30.36 17.99
C VAL C 239 -16.87 31.34 16.91
N THR C 240 -16.97 32.61 17.26
CA THR C 240 -17.25 33.64 16.28
C THR C 240 -15.95 34.07 15.60
N GLN C 241 -16.07 34.96 14.62
CA GLN C 241 -14.89 35.43 13.90
C GLN C 241 -13.94 36.18 14.83
N GLU C 242 -14.48 37.00 15.73
CA GLU C 242 -13.62 37.79 16.60
C GLU C 242 -12.84 36.91 17.56
N GLU C 243 -13.46 35.86 18.07
CA GLU C 243 -12.76 34.98 19.00
C GLU C 243 -11.71 34.14 18.29
N LEU C 244 -11.95 33.78 17.03
CA LEU C 244 -11.01 32.94 16.33
C LEU C 244 -9.83 33.72 15.78
N GLY C 245 -10.08 34.90 15.22
CA GLY C 245 -8.99 35.62 14.58
C GLY C 245 -8.98 37.11 14.81
N GLY C 246 -9.52 37.58 15.93
CA GLY C 246 -9.56 38.99 16.20
C GLY C 246 -8.20 39.55 16.53
N ALA C 247 -8.14 40.88 16.62
CA ALA C 247 -6.91 41.55 17.00
C ALA C 247 -6.51 41.22 18.43
N LYS C 248 -7.49 41.15 19.33
CA LYS C 248 -7.18 40.80 20.71
C LYS C 248 -6.59 39.40 20.81
N THR C 249 -7.15 38.46 20.06
CA THR C 249 -6.64 37.09 20.10
C THR C 249 -5.20 37.01 19.61
N HIS C 250 -4.89 37.71 18.52
CA HIS C 250 -3.56 37.62 17.95
C HIS C 250 -2.55 38.57 18.59
N THR C 251 -3.00 39.45 19.48
CA THR C 251 -2.07 40.31 20.22
C THR C 251 -1.96 39.97 21.69
N THR C 252 -2.79 39.07 22.22
CA THR C 252 -2.72 38.72 23.63
C THR C 252 -2.51 37.25 23.90
N MET C 253 -2.87 36.35 22.99
CA MET C 253 -2.72 34.93 23.26
C MET C 253 -2.21 34.14 22.08
N SER C 254 -1.72 34.78 21.04
CA SER C 254 -1.27 34.04 19.87
C SER C 254 0.16 34.37 19.47
N GLY C 255 0.57 35.62 19.61
CA GLY C 255 1.91 36.03 19.25
C GLY C 255 2.11 36.33 17.79
N VAL C 256 1.06 36.21 16.97
CA VAL C 256 1.20 36.45 15.54
C VAL C 256 1.32 37.95 15.25
N ALA C 257 0.47 38.74 15.89
CA ALA C 257 0.44 40.18 15.64
C ALA C 257 1.23 40.93 16.70
N HIS C 258 1.64 42.15 16.35
CA HIS C 258 2.53 42.94 17.19
C HIS C 258 1.81 44.05 17.95
N ARG C 259 0.98 44.82 17.26
CA ARG C 259 0.21 45.88 17.92
C ARG C 259 -1.16 45.96 17.27
N ALA C 260 -2.10 46.53 18.01
CA ALA C 260 -3.46 46.73 17.53
C ALA C 260 -3.86 48.17 17.80
N PHE C 261 -4.47 48.81 16.81
CA PHE C 261 -4.83 50.21 16.90
C PHE C 261 -6.33 50.38 16.79
N GLU C 262 -6.81 51.55 17.24
CA GLU C 262 -8.24 51.75 17.42
C GLU C 262 -9.00 51.63 16.11
N ASN C 263 -8.54 52.35 15.08
CA ASN C 263 -9.23 52.36 13.80
C ASN C 263 -8.20 52.60 12.71
N ASP C 264 -8.68 52.94 11.51
CA ASP C 264 -7.81 53.06 10.36
C ASP C 264 -6.88 54.27 10.49
N VAL C 265 -7.42 55.41 10.92
CA VAL C 265 -6.63 56.64 10.93
C VAL C 265 -5.52 56.55 11.98
N ASP C 266 -5.85 56.09 13.18
CA ASP C 266 -4.84 55.93 14.22
C ASP C 266 -3.79 54.93 13.79
N ALA C 267 -4.22 53.82 13.18
CA ALA C 267 -3.27 52.82 12.73
C ALA C 267 -2.30 53.39 11.70
N LEU C 268 -2.81 54.18 10.75
CA LEU C 268 -1.94 54.74 9.73
C LEU C 268 -0.96 55.76 10.31
N CYS C 269 -1.44 56.62 11.21
CA CYS C 269 -0.54 57.61 11.82
C CYS C 269 0.55 56.91 12.64
N ASN C 270 0.16 55.93 13.44
CA ASN C 270 1.16 55.17 14.19
C ASN C 270 2.11 54.42 13.27
N LEU C 271 1.63 53.98 12.10
CA LEU C 271 2.49 53.29 11.16
C LEU C 271 3.54 54.22 10.58
N ARG C 272 3.15 55.47 10.26
CA ARG C 272 4.13 56.45 9.82
C ARG C 272 5.17 56.71 10.90
N ASP C 273 4.70 56.90 12.13
CA ASP C 273 5.61 57.13 13.25
C ASP C 273 6.58 55.98 13.40
N PHE C 274 6.07 54.74 13.31
CA PHE C 274 6.93 53.56 13.42
C PHE C 274 7.92 53.47 12.27
N PHE C 275 7.49 53.84 11.07
CA PHE C 275 8.39 53.79 9.93
C PHE C 275 9.54 54.77 10.06
N ASN C 276 9.32 55.88 10.76
CA ASN C 276 10.42 56.82 10.95
C ASN C 276 11.62 56.20 11.65
N TYR C 277 11.43 55.10 12.39
CA TYR C 277 12.53 54.48 13.11
C TYR C 277 13.45 53.68 12.20
N LEU C 278 12.89 52.97 11.24
CA LEU C 278 13.59 51.90 10.54
C LEU C 278 14.58 52.45 9.51
N PRO C 279 15.67 51.74 9.27
CA PRO C 279 16.52 52.06 8.12
C PRO C 279 15.87 51.58 6.84
N LEU C 280 16.24 52.21 5.73
CA LEU C 280 15.63 51.87 4.45
C LEU C 280 16.07 50.50 3.95
N SER C 281 17.27 50.06 4.32
CA SER C 281 17.78 48.79 3.84
C SER C 281 18.81 48.29 4.84
N SER C 282 19.19 47.01 4.70
CA SER C 282 20.20 46.45 5.57
C SER C 282 21.55 47.12 5.36
N GLN C 283 21.81 47.62 4.16
CA GLN C 283 23.10 48.26 3.89
C GLN C 283 23.20 49.62 4.55
N ASP C 284 22.11 50.37 4.61
CA ASP C 284 22.13 51.65 5.28
C ASP C 284 22.29 51.46 6.78
N PRO C 285 22.98 52.38 7.45
CA PRO C 285 23.09 52.31 8.92
C PRO C 285 21.79 52.75 9.59
N ALA C 286 21.75 52.59 10.90
CA ALA C 286 20.57 52.97 11.64
C ALA C 286 20.32 54.47 11.51
N PRO C 287 19.06 54.90 11.39
CA PRO C 287 18.79 56.32 11.18
C PRO C 287 19.25 57.16 12.36
N VAL C 288 19.69 58.38 12.07
CA VAL C 288 20.09 59.35 13.07
C VAL C 288 19.32 60.64 12.79
N ARG C 289 18.71 61.20 13.82
CA ARG C 289 17.83 62.36 13.67
C ARG C 289 18.42 63.53 14.46
N GLU C 290 17.64 64.62 14.53
CA GLU C 290 18.04 65.77 15.33
C GLU C 290 17.60 65.56 16.78
N CYS C 291 18.53 65.76 17.71
CA CYS C 291 18.29 65.45 19.11
C CYS C 291 18.37 66.70 19.97
N HIS C 292 17.72 66.64 21.12
CA HIS C 292 17.68 67.76 22.05
C HIS C 292 17.86 67.28 23.50
#